data_3GRJ
#
_entry.id   3GRJ
#
_cell.length_a   117.508
_cell.length_b   76.811
_cell.length_c   98.005
_cell.angle_alpha   90.000
_cell.angle_beta   116.660
_cell.angle_gamma   90.000
#
_symmetry.space_group_name_H-M   'C 1 2 1'
#
loop_
_entity.id
_entity.type
_entity.pdbx_description
1 polymer Beta-lactamase
2 non-polymer 'PHOSPHATE ION'
3 non-polymer '2-phenyl-1H-imidazole-4-carboxylic acid'
4 non-polymer DI(HYDROXYETHYL)ETHER
5 non-polymer 'DIMETHYL SULFOXIDE'
6 water water
#
_entity_poly.entity_id   1
_entity_poly.type   'polypeptide(L)'
_entity_poly.pdbx_seq_one_letter_code
;APQQINDIVHRTITPLIEQQKIPGMAVAVIYQGKPYYFTWGYADIAKKQPVTQQTLFELGSVSKTFTGVLGGDAIARGEI
KLSDPTTKYWPELTAKQWNGITLLHLATYTAGGLPLQVPDEVKSSSDLLRFYQNWQPAWAPGTQRLYANSSIGLFGALAV
KPSGLSFEQAMQTRVFQPLKLNHTWINVPPAEEKNYAWGYREGKAVHVSPGALDAEAYGVKSTIEDMARWVQSNLKPLDI
NEKTLQQGIQLAQSRYWQTGDMYQGLGWEMLDWPVNPDSIINGSDNKIALAARPVKAITPPTPAVRASWVHKTGATGGFG
SYVAFIPEKELGIVMLANKNYPNPARVDAAWQILNALQ
;
_entity_poly.pdbx_strand_id   A,B
#
loop_
_chem_comp.id
_chem_comp.type
_chem_comp.name
_chem_comp.formula
DMS non-polymer 'DIMETHYL SULFOXIDE' 'C2 H6 O S'
G14 non-polymer '2-phenyl-1H-imidazole-4-carboxylic acid' 'C10 H8 N2 O2'
PEG non-polymer DI(HYDROXYETHYL)ETHER 'C4 H10 O3'
PO4 non-polymer 'PHOSPHATE ION' 'O4 P -3'
#
# COMPACT_ATOMS: atom_id res chain seq x y z
N ALA A 1 -25.87 -6.92 25.89
CA ALA A 1 -25.35 -5.68 25.24
C ALA A 1 -25.77 -4.42 26.03
N PRO A 2 -25.12 -3.27 25.77
CA PRO A 2 -25.66 -1.97 26.20
C PRO A 2 -27.05 -1.74 25.62
N GLN A 3 -27.93 -1.08 26.36
CA GLN A 3 -29.34 -0.88 25.95
C GLN A 3 -29.51 -0.11 24.63
N GLN A 4 -28.71 0.93 24.43
CA GLN A 4 -28.66 1.67 23.17
C GLN A 4 -28.58 0.66 22.00
N ILE A 5 -27.60 -0.25 22.10
CA ILE A 5 -27.33 -1.20 21.03
C ILE A 5 -28.46 -2.21 20.88
N ASN A 6 -28.91 -2.77 22.00
CA ASN A 6 -30.05 -3.67 22.00
C ASN A 6 -31.25 -3.02 21.31
N ASP A 7 -31.57 -1.80 21.73
CA ASP A 7 -32.72 -1.10 21.21
C ASP A 7 -32.61 -0.79 19.72
N ILE A 8 -31.54 -0.15 19.25
CA ILE A 8 -31.47 0.10 17.79
C ILE A 8 -31.51 -1.17 16.93
N VAL A 9 -30.78 -2.20 17.33
CA VAL A 9 -30.75 -3.44 16.55
C VAL A 9 -32.17 -4.03 16.43
N HIS A 10 -32.80 -4.32 17.56
CA HIS A 10 -34.15 -4.87 17.58
C HIS A 10 -35.24 -4.06 16.89
N ARG A 11 -35.30 -2.74 17.17
CA ARG A 11 -36.31 -1.91 16.53
CA ARG A 11 -36.31 -1.89 16.53
CA ARG A 11 -36.24 -1.80 16.52
C ARG A 11 -36.12 -1.84 15.00
N THR A 12 -34.92 -2.20 14.52
CA THR A 12 -34.62 -2.16 13.09
C THR A 12 -34.79 -3.53 12.40
N ILE A 13 -34.29 -4.57 13.05
CA ILE A 13 -34.29 -5.92 12.47
C ILE A 13 -35.67 -6.62 12.50
N THR A 14 -36.38 -6.44 13.61
CA THR A 14 -37.67 -7.09 13.83
C THR A 14 -38.64 -6.73 12.69
N PRO A 15 -38.84 -5.44 12.42
CA PRO A 15 -39.65 -5.01 11.28
C PRO A 15 -39.17 -5.56 9.94
N LEU A 16 -37.85 -5.60 9.75
CA LEU A 16 -37.21 -6.10 8.51
C LEU A 16 -37.53 -7.58 8.27
N ILE A 17 -37.33 -8.41 9.29
CA ILE A 17 -37.72 -9.82 9.24
C ILE A 17 -39.20 -10.01 8.89
N GLU A 18 -40.06 -9.23 9.54
CA GLU A 18 -41.50 -9.28 9.30
CA GLU A 18 -41.50 -9.28 9.30
C GLU A 18 -41.84 -8.87 7.87
N GLN A 19 -41.29 -7.74 7.43
CA GLN A 19 -41.55 -7.22 6.09
C GLN A 19 -41.09 -8.19 4.99
N GLN A 20 -39.91 -8.78 5.19
CA GLN A 20 -39.27 -9.58 4.14
C GLN A 20 -39.57 -11.09 4.25
N LYS A 21 -40.27 -11.48 5.33
CA LYS A 21 -40.57 -12.90 5.60
C LYS A 21 -39.29 -13.74 5.65
N ILE A 22 -38.29 -13.24 6.36
CA ILE A 22 -37.01 -13.92 6.52
C ILE A 22 -37.15 -15.00 7.60
N PRO A 23 -36.93 -16.27 7.24
CA PRO A 23 -37.14 -17.35 8.23
C PRO A 23 -36.15 -17.30 9.41
N GLY A 24 -34.91 -16.95 9.12
CA GLY A 24 -33.89 -16.87 10.13
C GLY A 24 -32.88 -15.77 9.83
N MET A 25 -32.27 -15.25 10.88
CA MET A 25 -31.28 -14.20 10.78
C MET A 25 -30.37 -14.15 12.00
N ALA A 26 -29.11 -13.86 11.73
CA ALA A 26 -28.17 -13.49 12.80
C ALA A 26 -27.55 -12.13 12.47
N VAL A 27 -27.35 -11.29 13.50
CA VAL A 27 -26.73 -9.97 13.37
C VAL A 27 -25.62 -9.81 14.43
N ALA A 28 -24.48 -9.25 14.02
CA ALA A 28 -23.40 -8.82 14.92
C ALA A 28 -23.13 -7.33 14.74
N VAL A 29 -23.07 -6.61 15.86
CA VAL A 29 -22.61 -5.25 15.82
C VAL A 29 -21.27 -5.20 16.51
N ILE A 30 -20.30 -4.63 15.80
CA ILE A 30 -19.02 -4.25 16.36
C ILE A 30 -19.14 -2.80 16.80
N TYR A 31 -19.04 -2.58 18.10
CA TYR A 31 -19.13 -1.24 18.68
C TYR A 31 -17.91 -0.99 19.53
N GLN A 32 -17.27 0.15 19.26
CA GLN A 32 -15.95 0.47 19.81
C GLN A 32 -15.07 -0.79 19.90
N GLY A 33 -15.07 -1.55 18.80
CA GLY A 33 -14.23 -2.72 18.68
C GLY A 33 -14.71 -4.04 19.27
N LYS A 34 -15.82 -4.05 20.02
CA LYS A 34 -16.30 -5.33 20.60
C LYS A 34 -17.62 -5.85 20.02
N PRO A 35 -17.77 -7.18 19.92
CA PRO A 35 -18.94 -7.73 19.23
C PRO A 35 -20.15 -7.99 20.12
N TYR A 36 -21.33 -7.72 19.56
CA TYR A 36 -22.60 -7.94 20.23
C TYR A 36 -23.50 -8.65 19.25
N TYR A 37 -24.18 -9.70 19.73
CA TYR A 37 -24.78 -10.68 18.82
C TYR A 37 -26.27 -10.81 19.01
N PHE A 38 -26.98 -10.94 17.91
CA PHE A 38 -28.41 -11.14 17.94
C PHE A 38 -28.85 -12.22 16.97
N THR A 39 -29.82 -13.04 17.38
CA THR A 39 -30.36 -14.06 16.49
C THR A 39 -31.89 -14.13 16.52
N TRP A 40 -32.49 -14.46 15.38
CA TRP A 40 -33.95 -14.58 15.25
C TRP A 40 -34.31 -15.79 14.40
N GLY A 41 -35.48 -16.35 14.66
CA GLY A 41 -36.08 -17.32 13.75
C GLY A 41 -35.40 -18.66 13.62
N TYR A 42 -35.48 -19.19 12.41
CA TYR A 42 -35.19 -20.58 12.11
C TYR A 42 -34.06 -20.83 11.11
N ALA A 43 -33.14 -21.71 11.52
CA ALA A 43 -32.09 -22.27 10.68
C ALA A 43 -32.68 -23.30 9.76
N ASP A 44 -33.60 -24.08 10.29
CA ASP A 44 -34.23 -25.16 9.56
C ASP A 44 -35.66 -25.19 10.05
N ILE A 45 -36.59 -24.89 9.14
CA ILE A 45 -37.98 -24.76 9.51
C ILE A 45 -38.53 -26.14 9.86
N ALA A 46 -38.37 -27.08 8.92
CA ALA A 46 -38.85 -28.45 9.06
C ALA A 46 -38.43 -29.10 10.38
N LYS A 47 -37.14 -29.01 10.70
CA LYS A 47 -36.61 -29.58 11.95
C LYS A 47 -36.68 -28.64 13.17
N LYS A 48 -37.33 -27.49 13.01
CA LYS A 48 -37.54 -26.51 14.10
C LYS A 48 -36.26 -26.08 14.81
N GLN A 49 -35.17 -26.00 14.06
CA GLN A 49 -33.86 -25.66 14.59
C GLN A 49 -33.73 -24.15 14.55
N PRO A 50 -33.40 -23.51 15.70
CA PRO A 50 -33.34 -22.07 15.69
C PRO A 50 -31.97 -21.65 15.17
N VAL A 51 -31.88 -20.41 14.71
CA VAL A 51 -30.62 -19.75 14.41
C VAL A 51 -29.91 -19.48 15.72
N THR A 52 -28.66 -19.92 15.82
CA THR A 52 -27.80 -19.61 16.97
C THR A 52 -26.51 -18.90 16.53
N GLN A 53 -25.60 -18.70 17.47
CA GLN A 53 -24.30 -18.10 17.17
C GLN A 53 -23.37 -19.09 16.46
N GLN A 54 -23.79 -20.37 16.45
CA GLN A 54 -23.02 -21.42 15.79
C GLN A 54 -23.64 -21.83 14.45
N THR A 55 -24.77 -21.20 14.07
CA THR A 55 -25.39 -21.46 12.78
C THR A 55 -24.51 -20.98 11.62
N LEU A 56 -24.30 -21.86 10.64
CA LEU A 56 -23.59 -21.54 9.39
C LEU A 56 -24.56 -21.02 8.35
N PHE A 57 -24.16 -19.91 7.72
CA PHE A 57 -24.93 -19.29 6.66
C PHE A 57 -24.07 -19.26 5.41
N GLU A 58 -24.69 -19.38 4.24
CA GLU A 58 -23.96 -19.16 3.01
C GLU A 58 -23.70 -17.65 2.85
N LEU A 59 -22.44 -17.27 2.69
CA LEU A 59 -22.12 -15.86 2.52
C LEU A 59 -22.42 -15.35 1.10
N GLY A 60 -22.53 -16.27 0.15
CA GLY A 60 -22.66 -15.84 -1.24
C GLY A 60 -21.51 -14.91 -1.57
N SER A 61 -21.78 -13.82 -2.29
CA SER A 61 -20.70 -12.94 -2.75
C SER A 61 -19.84 -12.20 -1.67
N VAL A 62 -20.30 -12.14 -0.43
CA VAL A 62 -19.42 -11.70 0.66
C VAL A 62 -18.16 -12.60 0.71
N SER A 63 -18.25 -13.81 0.17
CA SER A 63 -17.06 -14.64 -0.02
C SER A 63 -15.98 -13.91 -0.82
N LYS A 64 -16.37 -12.98 -1.70
CA LYS A 64 -15.39 -12.26 -2.53
C LYS A 64 -14.37 -11.46 -1.70
N THR A 65 -14.74 -11.10 -0.46
CA THR A 65 -13.87 -10.31 0.42
C THR A 65 -12.75 -11.17 0.98
N PHE A 66 -13.05 -12.45 1.20
CA PHE A 66 -12.06 -13.39 1.62
C PHE A 66 -11.08 -13.56 0.49
N THR A 67 -11.61 -13.55 -0.72
CA THR A 67 -10.81 -13.86 -1.92
C THR A 67 -9.89 -12.70 -2.19
N GLY A 68 -10.42 -11.49 -2.00
CA GLY A 68 -9.64 -10.28 -2.18
C GLY A 68 -8.50 -10.23 -1.19
N VAL A 69 -8.76 -10.70 0.02
CA VAL A 69 -7.80 -10.63 1.13
C VAL A 69 -6.70 -11.70 0.94
N LEU A 70 -7.10 -12.92 0.55
CA LEU A 70 -6.16 -13.99 0.19
C LEU A 70 -5.30 -13.57 -0.98
N GLY A 71 -5.92 -12.91 -1.96
CA GLY A 71 -5.23 -12.34 -3.10
C GLY A 71 -4.23 -11.30 -2.62
N GLY A 72 -4.68 -10.40 -1.76
CA GLY A 72 -3.79 -9.34 -1.21
C GLY A 72 -2.65 -9.91 -0.38
N ASP A 73 -2.91 -11.03 0.28
CA ASP A 73 -1.89 -11.74 1.05
C ASP A 73 -0.85 -12.33 0.11
N ALA A 74 -1.27 -12.86 -1.04
CA ALA A 74 -0.31 -13.46 -1.98
C ALA A 74 0.60 -12.39 -2.58
N ILE A 75 0.02 -11.21 -2.81
CA ILE A 75 0.74 -10.04 -3.25
C ILE A 75 1.83 -9.70 -2.24
N ALA A 76 1.43 -9.49 -0.99
CA ALA A 76 2.35 -9.13 0.07
C ALA A 76 3.41 -10.20 0.29
N ARG A 77 3.10 -11.44 -0.06
CA ARG A 77 4.11 -12.51 -0.03
C ARG A 77 5.09 -12.41 -1.20
N GLY A 78 4.78 -11.55 -2.19
CA GLY A 78 5.60 -11.40 -3.38
C GLY A 78 5.45 -12.54 -4.38
N GLU A 79 4.39 -13.33 -4.21
CA GLU A 79 4.13 -14.49 -5.08
C GLU A 79 3.46 -14.09 -6.40
N ILE A 80 2.70 -12.99 -6.36
CA ILE A 80 1.99 -12.47 -7.53
C ILE A 80 2.06 -10.96 -7.51
N LYS A 81 1.79 -10.32 -8.66
CA LYS A 81 1.59 -8.88 -8.70
C LYS A 81 0.30 -8.62 -9.47
N LEU A 82 -0.43 -7.56 -9.10
CA LEU A 82 -1.70 -7.20 -9.76
C LEU A 82 -1.46 -6.65 -11.15
N SER A 83 -0.24 -6.19 -11.39
CA SER A 83 0.17 -5.63 -12.67
C SER A 83 0.63 -6.74 -13.62
N ASP A 84 0.68 -7.97 -13.15
CA ASP A 84 0.99 -9.10 -14.03
C ASP A 84 -0.13 -9.42 -15.04
N PRO A 85 0.26 -9.78 -16.28
CA PRO A 85 -0.76 -10.28 -17.22
C PRO A 85 -1.34 -11.61 -16.74
N THR A 86 -2.60 -11.85 -17.04
CA THR A 86 -3.26 -13.10 -16.68
C THR A 86 -2.51 -14.33 -17.21
N THR A 87 -2.02 -14.22 -18.46
CA THR A 87 -1.25 -15.28 -19.12
C THR A 87 0.03 -15.72 -18.37
N LYS A 88 0.62 -14.84 -17.57
CA LYS A 88 1.74 -15.23 -16.71
C LYS A 88 1.41 -16.43 -15.78
N TYR A 89 0.16 -16.54 -15.33
CA TYR A 89 -0.25 -17.65 -14.46
C TYR A 89 -1.14 -18.67 -15.16
N TRP A 90 -1.57 -18.34 -16.36
CA TRP A 90 -2.27 -19.29 -17.22
C TRP A 90 -1.77 -19.11 -18.65
N PRO A 91 -0.61 -19.71 -18.97
CA PRO A 91 0.01 -19.49 -20.29
C PRO A 91 -0.83 -20.07 -21.44
N GLU A 92 -1.67 -21.05 -21.12
CA GLU A 92 -2.64 -21.65 -22.06
C GLU A 92 -3.70 -20.68 -22.57
N LEU A 93 -3.73 -19.47 -21.99
CA LEU A 93 -4.65 -18.42 -22.41
C LEU A 93 -3.99 -17.63 -23.55
N THR A 94 -3.92 -18.29 -24.70
CA THR A 94 -3.15 -17.77 -25.83
C THR A 94 -3.98 -16.86 -26.75
N ALA A 95 -5.30 -16.91 -26.62
CA ALA A 95 -6.20 -16.04 -27.41
C ALA A 95 -5.81 -14.55 -27.27
N LYS A 96 -5.80 -13.84 -28.40
CA LYS A 96 -5.18 -12.50 -28.42
C LYS A 96 -5.90 -11.40 -27.63
N GLN A 97 -7.16 -11.64 -27.26
CA GLN A 97 -7.91 -10.64 -26.46
C GLN A 97 -7.33 -10.53 -25.07
N TRP A 98 -6.55 -11.53 -24.67
CA TRP A 98 -5.97 -11.55 -23.32
C TRP A 98 -4.73 -10.68 -23.09
N ASN A 99 -4.04 -10.28 -24.18
CA ASN A 99 -2.91 -9.34 -24.07
C ASN A 99 -3.37 -8.07 -23.38
N GLY A 100 -2.77 -7.77 -22.23
CA GLY A 100 -3.09 -6.53 -21.54
C GLY A 100 -4.18 -6.68 -20.50
N ILE A 101 -4.68 -7.89 -20.30
CA ILE A 101 -5.59 -8.16 -19.17
C ILE A 101 -4.78 -8.67 -17.99
N THR A 102 -4.72 -7.83 -16.97
CA THR A 102 -3.93 -8.10 -15.79
C THR A 102 -4.78 -8.73 -14.68
N LEU A 103 -4.09 -9.25 -13.65
CA LEU A 103 -4.72 -9.68 -12.42
C LEU A 103 -5.53 -8.56 -11.79
N LEU A 104 -5.05 -7.31 -11.90
CA LEU A 104 -5.87 -6.21 -11.41
C LEU A 104 -7.24 -6.24 -12.08
N HIS A 105 -7.25 -6.34 -13.40
CA HIS A 105 -8.51 -6.32 -14.14
C HIS A 105 -9.43 -7.45 -13.71
N LEU A 106 -8.86 -8.61 -13.43
CA LEU A 106 -9.64 -9.75 -13.02
C LEU A 106 -10.29 -9.52 -11.65
N ALA A 107 -9.50 -9.04 -10.71
CA ALA A 107 -9.94 -8.88 -9.34
C ALA A 107 -10.97 -7.77 -9.16
N THR A 108 -11.08 -6.88 -10.14
CA THR A 108 -11.86 -5.65 -9.97
C THR A 108 -13.02 -5.46 -10.99
N TYR A 109 -13.28 -6.53 -11.76
CA TYR A 109 -14.38 -6.61 -12.74
C TYR A 109 -14.20 -5.64 -13.92
N THR A 110 -12.95 -5.24 -14.18
CA THR A 110 -12.61 -4.32 -15.26
C THR A 110 -11.91 -4.97 -16.47
N ALA A 111 -11.96 -6.30 -16.59
CA ALA A 111 -11.28 -6.94 -17.73
C ALA A 111 -11.82 -6.59 -19.14
N GLY A 112 -13.04 -6.08 -19.25
CA GLY A 112 -13.63 -5.82 -20.57
C GLY A 112 -14.96 -6.54 -20.80
N GLY A 113 -15.61 -6.98 -19.72
CA GLY A 113 -16.94 -7.55 -19.81
C GLY A 113 -17.03 -9.06 -19.66
N LEU A 114 -16.18 -9.63 -18.81
CA LEU A 114 -16.34 -11.02 -18.39
C LEU A 114 -17.73 -11.17 -17.75
N PRO A 115 -18.44 -12.28 -18.05
CA PRO A 115 -19.84 -12.39 -17.63
C PRO A 115 -20.04 -12.62 -16.13
N LEU A 116 -21.21 -12.22 -15.62
CA LEU A 116 -21.55 -12.38 -14.23
C LEU A 116 -21.40 -13.83 -13.76
N GLN A 117 -21.90 -14.79 -14.58
CA GLN A 117 -21.82 -16.20 -14.21
C GLN A 117 -20.98 -16.95 -15.21
N VAL A 118 -20.18 -17.89 -14.72
CA VAL A 118 -19.59 -18.92 -15.57
C VAL A 118 -20.80 -19.78 -15.96
N PRO A 119 -20.90 -20.15 -17.25
CA PRO A 119 -22.03 -21.01 -17.60
C PRO A 119 -22.07 -22.36 -16.85
N ASP A 120 -23.31 -22.78 -16.53
CA ASP A 120 -23.61 -24.06 -15.88
C ASP A 120 -23.03 -25.24 -16.62
N GLU A 121 -22.95 -25.12 -17.95
CA GLU A 121 -22.52 -26.25 -18.81
C GLU A 121 -21.00 -26.50 -18.79
N VAL A 122 -20.27 -25.63 -18.09
CA VAL A 122 -18.82 -25.72 -17.94
C VAL A 122 -18.51 -26.63 -16.77
N LYS A 123 -18.39 -27.93 -17.03
CA LYS A 123 -18.09 -28.88 -15.98
C LYS A 123 -16.58 -29.07 -15.86
N SER A 124 -15.99 -29.72 -16.86
CA SER A 124 -14.55 -30.00 -16.86
C SER A 124 -13.71 -28.72 -16.82
N SER A 125 -12.44 -28.88 -16.48
CA SER A 125 -11.52 -27.75 -16.46
C SER A 125 -11.04 -27.33 -17.87
N SER A 126 -11.20 -28.21 -18.86
CA SER A 126 -10.91 -27.80 -20.24
C SER A 126 -12.11 -27.06 -20.82
N ASP A 127 -13.31 -27.35 -20.32
CA ASP A 127 -14.49 -26.53 -20.60
C ASP A 127 -14.23 -25.11 -20.15
N LEU A 128 -13.48 -24.96 -19.06
CA LEU A 128 -13.20 -23.65 -18.45
C LEU A 128 -12.24 -22.85 -19.31
N LEU A 129 -11.16 -23.52 -19.74
CA LEU A 129 -10.18 -22.93 -20.66
C LEU A 129 -10.83 -22.46 -21.95
N ARG A 130 -11.72 -23.29 -22.47
CA ARG A 130 -12.49 -22.99 -23.67
C ARG A 130 -13.32 -21.71 -23.49
N PHE A 131 -14.01 -21.64 -22.35
CA PHE A 131 -14.87 -20.53 -22.01
C PHE A 131 -14.11 -19.18 -22.00
N TYR A 132 -12.93 -19.15 -21.36
CA TYR A 132 -12.11 -17.94 -21.31
C TYR A 132 -11.39 -17.66 -22.61
N GLN A 133 -10.99 -18.71 -23.34
CA GLN A 133 -10.37 -18.57 -24.64
C GLN A 133 -11.35 -18.05 -25.68
N ASN A 134 -12.61 -18.44 -25.55
CA ASN A 134 -13.61 -18.09 -26.55
C ASN A 134 -14.36 -16.82 -26.19
N TRP A 135 -14.13 -16.32 -24.97
CA TRP A 135 -14.77 -15.09 -24.51
C TRP A 135 -14.33 -13.88 -25.30
N GLN A 136 -15.30 -13.07 -25.74
CA GLN A 136 -15.04 -11.83 -26.48
C GLN A 136 -15.35 -10.53 -25.69
N PRO A 137 -14.30 -9.80 -25.30
CA PRO A 137 -14.52 -8.51 -24.61
C PRO A 137 -15.42 -7.53 -25.37
N ALA A 138 -16.33 -6.90 -24.64
CA ALA A 138 -17.10 -5.82 -25.23
C ALA A 138 -16.28 -4.52 -25.21
N TRP A 139 -15.29 -4.45 -24.29
CA TRP A 139 -14.51 -3.22 -24.06
C TRP A 139 -13.02 -3.48 -23.86
N ALA A 140 -12.21 -2.44 -24.07
CA ALA A 140 -10.80 -2.47 -23.70
C ALA A 140 -10.67 -2.66 -22.20
N PRO A 141 -9.55 -3.29 -21.76
CA PRO A 141 -9.33 -3.46 -20.31
C PRO A 141 -9.22 -2.12 -19.61
N GLY A 142 -9.70 -2.06 -18.37
CA GLY A 142 -9.59 -0.88 -17.52
C GLY A 142 -10.47 0.30 -17.90
N THR A 143 -11.58 0.03 -18.60
CA THR A 143 -12.46 1.09 -19.06
C THR A 143 -13.87 0.98 -18.53
N GLN A 144 -14.33 -0.25 -18.28
CA GLN A 144 -15.63 -0.46 -17.63
C GLN A 144 -15.62 -1.54 -16.57
N ARG A 145 -16.36 -1.28 -15.49
CA ARG A 145 -16.69 -2.28 -14.48
C ARG A 145 -18.00 -3.01 -14.83
N LEU A 146 -17.94 -4.34 -14.90
CA LEU A 146 -19.14 -5.16 -14.85
C LEU A 146 -18.90 -6.29 -13.86
N TYR A 147 -19.56 -6.21 -12.70
CA TYR A 147 -19.46 -7.20 -11.63
C TYR A 147 -19.61 -8.60 -12.18
N ALA A 148 -18.67 -9.49 -11.89
CA ALA A 148 -18.66 -10.81 -12.51
C ALA A 148 -17.99 -11.84 -11.63
N ASN A 149 -18.67 -12.95 -11.40
CA ASN A 149 -18.05 -14.07 -10.70
C ASN A 149 -16.91 -14.71 -11.51
N SER A 150 -17.07 -14.76 -12.84
CA SER A 150 -16.06 -15.30 -13.76
C SER A 150 -14.77 -14.49 -13.78
N SER A 151 -14.85 -13.27 -13.28
CA SER A 151 -13.73 -12.37 -13.23
C SER A 151 -12.98 -12.57 -11.90
N ILE A 152 -13.61 -12.22 -10.78
CA ILE A 152 -12.95 -12.43 -9.49
C ILE A 152 -12.72 -13.91 -9.16
N GLY A 153 -13.58 -14.80 -9.65
CA GLY A 153 -13.39 -16.25 -9.43
C GLY A 153 -12.07 -16.67 -10.03
N LEU A 154 -11.84 -16.25 -11.27
CA LEU A 154 -10.56 -16.49 -11.95
C LEU A 154 -9.38 -15.85 -11.20
N PHE A 155 -9.54 -14.62 -10.74
CA PHE A 155 -8.42 -14.00 -10.04
C PHE A 155 -8.04 -14.88 -8.86
N GLY A 156 -9.04 -15.49 -8.22
CA GLY A 156 -8.81 -16.26 -7.00
C GLY A 156 -8.08 -17.54 -7.31
N ALA A 157 -8.46 -18.16 -8.42
CA ALA A 157 -7.81 -19.40 -8.81
C ALA A 157 -6.33 -19.17 -9.15
N LEU A 158 -6.04 -18.05 -9.79
CA LEU A 158 -4.69 -17.80 -10.30
C LEU A 158 -3.76 -17.30 -9.20
N ALA A 159 -4.30 -16.41 -8.36
CA ALA A 159 -3.57 -15.82 -7.25
C ALA A 159 -2.87 -16.84 -6.34
N VAL A 160 -3.44 -18.05 -6.24
CA VAL A 160 -2.86 -19.11 -5.40
C VAL A 160 -1.99 -20.13 -6.17
N LYS A 161 -1.79 -19.89 -7.47
CA LYS A 161 -0.95 -20.81 -8.25
C LYS A 161 0.51 -20.95 -7.76
N PRO A 162 1.22 -19.81 -7.57
CA PRO A 162 2.61 -19.88 -7.13
C PRO A 162 2.82 -20.54 -5.76
N SER A 163 1.81 -20.47 -4.90
CA SER A 163 1.86 -21.12 -3.59
C SER A 163 1.90 -22.64 -3.73
N GLY A 164 1.28 -23.15 -4.78
CA GLY A 164 1.13 -24.59 -4.98
C GLY A 164 0.03 -25.20 -4.13
N LEU A 165 -0.65 -24.35 -3.36
CA LEU A 165 -1.81 -24.78 -2.58
C LEU A 165 -3.06 -24.74 -3.45
N SER A 166 -4.05 -25.59 -3.12
CA SER A 166 -5.38 -25.46 -3.72
C SER A 166 -5.92 -24.18 -3.12
N PHE A 167 -6.92 -23.58 -3.76
CA PHE A 167 -7.57 -22.39 -3.23
C PHE A 167 -8.00 -22.58 -1.75
N GLU A 168 -8.70 -23.69 -1.48
CA GLU A 168 -9.17 -24.04 -0.14
C GLU A 168 -8.04 -24.18 0.88
N GLN A 169 -7.01 -24.97 0.53
CA GLN A 169 -5.86 -25.10 1.43
C GLN A 169 -5.24 -23.74 1.70
N ALA A 170 -5.05 -22.95 0.65
CA ALA A 170 -4.48 -21.61 0.80
C ALA A 170 -5.36 -20.75 1.71
N MET A 171 -6.68 -20.78 1.47
CA MET A 171 -7.60 -19.99 2.26
C MET A 171 -7.61 -20.39 3.74
N GLN A 172 -7.70 -21.70 3.99
CA GLN A 172 -7.74 -22.21 5.36
C GLN A 172 -6.47 -21.85 6.11
N THR A 173 -5.31 -22.00 5.48
CA THR A 173 -4.01 -21.85 6.17
C THR A 173 -3.53 -20.42 6.27
N ARG A 174 -3.94 -19.59 5.32
CA ARG A 174 -3.39 -18.26 5.25
C ARG A 174 -4.37 -17.21 5.72
N VAL A 175 -5.67 -17.53 5.70
CA VAL A 175 -6.67 -16.56 6.16
C VAL A 175 -7.49 -17.06 7.34
N PHE A 176 -8.15 -18.21 7.19
CA PHE A 176 -9.02 -18.72 8.25
C PHE A 176 -8.27 -19.01 9.54
N GLN A 177 -7.21 -19.82 9.45
CA GLN A 177 -6.46 -20.21 10.65
C GLN A 177 -5.82 -19.03 11.41
N PRO A 178 -5.08 -18.13 10.72
CA PRO A 178 -4.47 -17.01 11.45
C PRO A 178 -5.50 -16.10 12.13
N LEU A 179 -6.68 -15.97 11.53
CA LEU A 179 -7.69 -15.08 12.10
C LEU A 179 -8.58 -15.78 13.11
N LYS A 180 -8.35 -17.08 13.30
CA LYS A 180 -9.12 -17.92 14.22
C LYS A 180 -10.58 -18.03 13.78
N LEU A 181 -10.75 -18.15 12.47
CA LEU A 181 -12.06 -18.38 11.91
C LEU A 181 -12.24 -19.90 11.81
N ASN A 182 -12.55 -20.50 12.97
CA ASN A 182 -12.57 -21.96 13.10
C ASN A 182 -13.89 -22.61 12.69
N HIS A 183 -14.88 -21.78 12.38
CA HIS A 183 -16.18 -22.22 11.87
C HIS A 183 -16.53 -21.50 10.57
N THR A 184 -15.56 -21.45 9.69
CA THR A 184 -15.69 -20.85 8.38
C THR A 184 -15.16 -21.87 7.40
N TRP A 185 -15.93 -22.13 6.34
CA TRP A 185 -15.69 -23.29 5.49
C TRP A 185 -16.00 -22.99 4.06
N ILE A 186 -15.10 -23.43 3.19
CA ILE A 186 -15.38 -23.48 1.75
CA ILE A 186 -15.39 -23.47 1.77
C ILE A 186 -16.27 -24.70 1.51
N ASN A 187 -15.92 -25.81 2.16
CA ASN A 187 -16.73 -27.01 2.12
C ASN A 187 -17.11 -27.39 3.53
N VAL A 188 -18.41 -27.47 3.80
CA VAL A 188 -18.85 -27.73 5.17
C VAL A 188 -18.52 -29.17 5.53
N PRO A 189 -17.76 -29.38 6.60
CA PRO A 189 -17.38 -30.74 6.99
C PRO A 189 -18.59 -31.44 7.59
N PRO A 190 -18.67 -32.78 7.43
CA PRO A 190 -19.79 -33.49 8.04
C PRO A 190 -20.02 -33.18 9.55
N ALA A 191 -18.94 -33.01 10.30
CA ALA A 191 -19.02 -32.60 11.70
C ALA A 191 -19.86 -31.34 11.92
N GLU A 192 -19.92 -30.45 10.93
CA GLU A 192 -20.56 -29.17 11.15
C GLU A 192 -21.90 -29.05 10.46
N GLU A 193 -22.31 -30.13 9.78
CA GLU A 193 -23.60 -30.17 9.07
C GLU A 193 -24.80 -29.85 9.96
N LYS A 194 -24.74 -30.26 11.22
CA LYS A 194 -25.86 -30.03 12.16
C LYS A 194 -26.14 -28.53 12.30
N ASN A 195 -25.09 -27.72 12.12
CA ASN A 195 -25.17 -26.27 12.16
C ASN A 195 -25.47 -25.57 10.83
N TYR A 196 -25.40 -26.31 9.73
CA TYR A 196 -25.64 -25.72 8.41
C TYR A 196 -27.14 -25.38 8.18
N ALA A 197 -27.48 -24.09 8.29
CA ALA A 197 -28.85 -23.63 8.01
C ALA A 197 -29.28 -23.99 6.61
N TRP A 198 -30.58 -24.17 6.42
CA TRP A 198 -31.11 -24.28 5.07
C TRP A 198 -31.41 -22.90 4.56
N GLY A 199 -31.24 -22.71 3.25
CA GLY A 199 -31.72 -21.49 2.59
C GLY A 199 -33.13 -21.68 2.08
N TYR A 200 -33.83 -20.59 1.85
CA TYR A 200 -35.21 -20.71 1.44
C TYR A 200 -35.50 -19.83 0.23
N ARG A 201 -35.85 -20.53 -0.86
CA ARG A 201 -36.26 -19.89 -2.09
CA ARG A 201 -36.23 -19.92 -2.11
C ARG A 201 -37.66 -20.36 -2.42
N GLU A 202 -38.58 -19.40 -2.49
CA GLU A 202 -39.99 -19.65 -2.75
C GLU A 202 -40.54 -20.72 -1.81
N GLY A 203 -40.13 -20.62 -0.55
CA GLY A 203 -40.55 -21.55 0.51
C GLY A 203 -39.89 -22.92 0.49
N LYS A 204 -38.98 -23.15 -0.46
CA LYS A 204 -38.29 -24.44 -0.54
CA LYS A 204 -38.27 -24.43 -0.60
C LYS A 204 -36.89 -24.36 0.06
N ALA A 205 -36.54 -25.40 0.85
CA ALA A 205 -35.21 -25.50 1.48
C ALA A 205 -34.13 -25.80 0.43
N VAL A 206 -33.12 -24.93 0.33
CA VAL A 206 -32.06 -25.03 -0.66
C VAL A 206 -30.67 -24.73 -0.10
N HIS A 207 -29.71 -25.53 -0.55
CA HIS A 207 -28.30 -25.24 -0.37
C HIS A 207 -27.69 -24.86 -1.74
N VAL A 208 -26.57 -24.11 -1.71
CA VAL A 208 -25.91 -23.69 -2.94
C VAL A 208 -25.42 -24.87 -3.78
N SER A 209 -25.71 -24.83 -5.09
CA SER A 209 -25.21 -25.86 -6.00
C SER A 209 -23.70 -25.75 -6.26
N PRO A 210 -23.03 -26.90 -6.49
CA PRO A 210 -21.65 -26.83 -6.98
C PRO A 210 -21.58 -26.25 -8.41
N GLY A 211 -20.56 -25.44 -8.68
CA GLY A 211 -20.37 -24.83 -9.99
C GLY A 211 -18.94 -24.32 -10.16
N ALA A 212 -18.56 -24.01 -11.40
CA ALA A 212 -17.21 -23.53 -11.69
C ALA A 212 -16.84 -22.27 -10.87
N LEU A 213 -15.65 -22.31 -10.28
CA LEU A 213 -15.12 -21.20 -9.48
C LEU A 213 -16.03 -20.73 -8.32
N ASP A 214 -16.84 -21.66 -7.80
CA ASP A 214 -17.80 -21.31 -6.73
C ASP A 214 -17.09 -20.85 -5.45
N ALA A 215 -16.08 -21.61 -5.07
CA ALA A 215 -15.30 -21.34 -3.86
C ALA A 215 -14.70 -19.94 -3.89
N GLU A 216 -14.21 -19.52 -5.06
CA GLU A 216 -13.50 -18.26 -5.23
C GLU A 216 -14.42 -17.06 -5.29
N ALA A 217 -15.67 -17.29 -5.67
CA ALA A 217 -16.60 -16.20 -5.93
C ALA A 217 -17.75 -16.11 -4.94
N TYR A 218 -18.26 -17.24 -4.47
CA TYR A 218 -19.50 -17.22 -3.66
C TYR A 218 -19.63 -18.45 -2.74
N GLY A 219 -18.50 -19.08 -2.38
CA GLY A 219 -18.59 -20.41 -1.80
C GLY A 219 -18.33 -20.58 -0.33
N VAL A 220 -18.11 -19.50 0.40
CA VAL A 220 -17.84 -19.56 1.85
C VAL A 220 -19.13 -19.61 2.68
N LYS A 221 -19.09 -20.40 3.77
CA LYS A 221 -20.18 -20.45 4.76
C LYS A 221 -19.54 -20.08 6.09
N SER A 222 -20.28 -19.35 6.93
CA SER A 222 -19.70 -18.86 8.18
C SER A 222 -20.73 -18.64 9.25
N THR A 223 -20.27 -18.47 10.50
CA THR A 223 -21.15 -18.14 11.62
C THR A 223 -21.12 -16.62 11.86
N ILE A 224 -22.13 -16.11 12.55
CA ILE A 224 -22.12 -14.72 12.98
C ILE A 224 -20.87 -14.39 13.84
N GLU A 225 -20.37 -15.34 14.64
CA GLU A 225 -19.18 -15.10 15.49
C GLU A 225 -17.89 -14.91 14.68
N ASP A 226 -17.63 -15.85 13.78
CA ASP A 226 -16.50 -15.71 12.87
C ASP A 226 -16.66 -14.46 11.99
N MET A 227 -17.87 -14.21 11.49
CA MET A 227 -18.06 -13.02 10.68
C MET A 227 -17.78 -11.72 11.41
N ALA A 228 -18.23 -11.63 12.66
CA ALA A 228 -17.85 -10.52 13.54
C ALA A 228 -16.32 -10.37 13.61
N ARG A 229 -15.64 -11.49 13.82
CA ARG A 229 -14.20 -11.52 13.88
C ARG A 229 -13.55 -11.11 12.56
N TRP A 230 -14.19 -11.44 11.45
CA TRP A 230 -13.75 -10.97 10.16
C TRP A 230 -13.81 -9.42 10.12
N VAL A 231 -14.92 -8.86 10.60
CA VAL A 231 -15.07 -7.40 10.62
C VAL A 231 -13.99 -6.75 11.51
N GLN A 232 -13.74 -7.35 12.68
CA GLN A 232 -12.72 -6.84 13.60
C GLN A 232 -11.35 -6.78 12.94
N SER A 233 -10.99 -7.85 12.23
CA SER A 233 -9.72 -7.92 11.50
C SER A 233 -9.64 -6.85 10.44
N ASN A 234 -10.70 -6.71 9.64
CA ASN A 234 -10.72 -5.70 8.60
C ASN A 234 -10.80 -4.26 9.13
N LEU A 235 -11.40 -4.09 10.32
CA LEU A 235 -11.43 -2.80 11.00
C LEU A 235 -10.04 -2.38 11.46
N LYS A 236 -9.31 -3.33 12.05
CA LYS A 236 -7.96 -3.13 12.61
C LYS A 236 -6.95 -4.13 12.01
N PRO A 237 -6.52 -3.87 10.76
CA PRO A 237 -5.60 -4.84 10.13
C PRO A 237 -4.27 -4.85 10.88
N LEU A 238 -3.90 -3.68 11.40
CA LEU A 238 -2.57 -3.48 11.95
C LEU A 238 -2.35 -4.16 13.30
N ASP A 239 -3.44 -4.63 13.92
CA ASP A 239 -3.32 -5.51 15.09
C ASP A 239 -3.07 -6.98 14.70
N ILE A 240 -3.03 -7.27 13.41
CA ILE A 240 -2.84 -8.67 12.97
C ILE A 240 -1.35 -9.01 13.00
N ASN A 241 -1.02 -10.10 13.70
CA ASN A 241 0.36 -10.54 13.91
C ASN A 241 1.08 -10.96 12.63
N GLU A 242 0.38 -11.64 11.72
CA GLU A 242 0.97 -12.15 10.47
C GLU A 242 1.13 -10.99 9.50
N LYS A 243 2.37 -10.79 9.05
CA LYS A 243 2.77 -9.55 8.34
C LYS A 243 2.08 -9.41 7.00
N THR A 244 2.16 -10.46 6.18
CA THR A 244 1.59 -10.41 4.84
C THR A 244 0.05 -10.36 4.83
N LEU A 245 -0.58 -11.06 5.79
CA LEU A 245 -2.03 -10.95 6.02
C LEU A 245 -2.49 -9.54 6.38
N GLN A 246 -1.74 -8.91 7.27
CA GLN A 246 -2.02 -7.57 7.71
C GLN A 246 -2.02 -6.68 6.50
N GLN A 247 -1.02 -6.87 5.63
CA GLN A 247 -0.94 -6.01 4.47
CA GLN A 247 -0.90 -6.05 4.43
C GLN A 247 -2.00 -6.41 3.46
N GLY A 248 -2.29 -7.71 3.36
CA GLY A 248 -3.35 -8.23 2.51
C GLY A 248 -4.70 -7.55 2.76
N ILE A 249 -5.08 -7.40 4.03
CA ILE A 249 -6.29 -6.67 4.39
C ILE A 249 -6.22 -5.23 3.88
N GLN A 250 -5.12 -4.55 4.16
CA GLN A 250 -4.94 -3.17 3.73
CA GLN A 250 -4.94 -3.17 3.73
C GLN A 250 -5.02 -3.04 2.22
N LEU A 251 -4.58 -4.10 1.51
CA LEU A 251 -4.60 -4.04 0.08
C LEU A 251 -6.01 -4.23 -0.49
N ALA A 252 -6.79 -5.08 0.16
CA ALA A 252 -8.17 -5.33 -0.25
C ALA A 252 -9.06 -4.08 -0.11
N GLN A 253 -8.66 -3.17 0.78
CA GLN A 253 -9.39 -1.90 0.97
C GLN A 253 -8.75 -0.68 0.30
N SER A 254 -7.77 -0.92 -0.56
CA SER A 254 -7.26 0.12 -1.42
C SER A 254 -8.29 0.43 -2.50
N ARG A 255 -8.34 1.68 -2.95
CA ARG A 255 -9.26 2.13 -3.98
C ARG A 255 -8.63 2.11 -5.37
N TYR A 256 -9.05 1.16 -6.21
CA TYR A 256 -8.40 0.99 -7.49
C TYR A 256 -9.12 1.69 -8.62
N TRP A 257 -10.44 1.84 -8.48
CA TRP A 257 -11.28 2.40 -9.54
C TRP A 257 -12.38 3.19 -8.88
N GLN A 258 -12.86 4.24 -9.56
CA GLN A 258 -14.01 4.95 -9.04
C GLN A 258 -15.13 4.94 -10.05
N THR A 259 -16.31 4.54 -9.59
CA THR A 259 -17.56 4.75 -10.32
C THR A 259 -18.62 5.46 -9.44
N GLY A 260 -19.07 6.62 -9.91
CA GLY A 260 -19.96 7.47 -9.12
C GLY A 260 -19.34 7.79 -7.77
N ASP A 261 -20.07 7.46 -6.71
CA ASP A 261 -19.59 7.66 -5.35
C ASP A 261 -18.79 6.47 -4.81
N MET A 262 -18.72 5.37 -5.57
CA MET A 262 -18.07 4.16 -5.03
CA MET A 262 -18.10 4.12 -5.07
C MET A 262 -16.70 3.83 -5.62
N TYR A 263 -15.84 3.28 -4.77
CA TYR A 263 -14.49 2.90 -5.14
C TYR A 263 -14.37 1.39 -5.07
N GLN A 264 -13.76 0.78 -6.06
CA GLN A 264 -13.63 -0.68 -6.06
C GLN A 264 -12.33 -1.12 -5.41
N GLY A 265 -12.47 -1.91 -4.35
CA GLY A 265 -11.31 -2.58 -3.72
C GLY A 265 -11.11 -3.99 -4.27
N LEU A 266 -10.35 -4.80 -3.54
CA LEU A 266 -10.32 -6.23 -3.83
C LEU A 266 -11.42 -6.92 -3.00
N GLY A 267 -12.53 -7.21 -3.67
CA GLY A 267 -13.72 -7.74 -3.00
C GLY A 267 -14.52 -6.64 -2.36
N TRP A 268 -13.97 -6.01 -1.33
CA TRP A 268 -14.62 -4.88 -0.70
C TRP A 268 -14.91 -3.76 -1.69
N GLU A 269 -15.97 -3.01 -1.38
CA GLU A 269 -16.34 -1.77 -2.10
C GLU A 269 -16.44 -0.65 -1.05
N MET A 270 -16.18 0.58 -1.48
CA MET A 270 -15.95 1.66 -0.53
C MET A 270 -16.53 2.99 -0.98
N LEU A 271 -17.04 3.73 0.00
CA LEU A 271 -17.50 5.10 -0.20
C LEU A 271 -16.85 5.97 0.85
N ASP A 272 -16.68 7.25 0.56
CA ASP A 272 -16.19 8.21 1.57
C ASP A 272 -17.23 8.33 2.67
N TRP A 273 -16.79 8.23 3.93
CA TRP A 273 -17.65 8.51 5.07
C TRP A 273 -17.45 9.96 5.52
N PRO A 274 -18.53 10.69 5.82
CA PRO A 274 -19.89 10.17 5.96
C PRO A 274 -20.53 10.01 4.60
N VAL A 275 -21.55 9.16 4.53
CA VAL A 275 -22.09 8.80 3.23
C VAL A 275 -23.53 9.17 3.18
N ASN A 276 -23.96 9.51 1.98
CA ASN A 276 -25.35 9.65 1.64
C ASN A 276 -25.98 8.25 1.64
N PRO A 277 -26.94 8.01 2.52
CA PRO A 277 -27.60 6.70 2.60
C PRO A 277 -28.29 6.30 1.29
N ASP A 278 -28.91 7.26 0.59
CA ASP A 278 -29.51 6.98 -0.73
C ASP A 278 -28.47 6.58 -1.80
N SER A 279 -27.22 7.01 -1.60
CA SER A 279 -26.12 6.65 -2.49
C SER A 279 -25.67 5.19 -2.31
N ILE A 280 -25.74 4.67 -1.08
CA ILE A 280 -25.49 3.24 -0.85
C ILE A 280 -26.75 2.39 -0.97
N ILE A 281 -27.88 2.94 -0.50
CA ILE A 281 -29.13 2.18 -0.48
C ILE A 281 -29.62 1.84 -1.90
N ASN A 282 -29.84 2.87 -2.71
CA ASN A 282 -30.18 2.64 -4.12
C ASN A 282 -29.03 2.05 -4.92
N GLY A 283 -27.80 2.43 -4.57
CA GLY A 283 -26.60 1.90 -5.20
C GLY A 283 -26.49 0.38 -5.18
N SER A 284 -27.11 -0.24 -4.17
CA SER A 284 -26.98 -1.69 -3.95
C SER A 284 -27.94 -2.59 -4.78
N ASP A 285 -28.93 -2.00 -5.48
CA ASP A 285 -29.97 -2.82 -6.20
C ASP A 285 -29.39 -3.85 -7.17
N ASN A 286 -29.84 -5.10 -7.03
CA ASN A 286 -29.55 -6.17 -8.00
C ASN A 286 -30.77 -6.47 -8.87
N LEU A 290 -27.27 -6.88 -14.87
CA LEU A 290 -26.14 -6.24 -15.60
C LEU A 290 -26.16 -4.68 -15.54
N ALA A 291 -25.24 -4.14 -14.74
N ALA A 291 -25.24 -4.13 -14.75
CA ALA A 291 -24.98 -2.68 -14.74
CA ALA A 291 -24.99 -2.68 -14.74
C ALA A 291 -23.54 -2.38 -15.16
C ALA A 291 -23.54 -2.39 -15.17
N ALA A 292 -23.37 -1.99 -16.43
CA ALA A 292 -22.04 -1.67 -16.93
C ALA A 292 -21.75 -0.20 -16.64
N ARG A 293 -20.64 0.08 -15.96
CA ARG A 293 -20.26 1.46 -15.65
C ARG A 293 -18.85 1.80 -16.11
N PRO A 294 -18.65 2.97 -16.73
CA PRO A 294 -17.26 3.42 -16.95
C PRO A 294 -16.56 3.62 -15.61
N VAL A 295 -15.28 3.26 -15.56
CA VAL A 295 -14.48 3.48 -14.37
C VAL A 295 -13.38 4.53 -14.59
N LYS A 296 -13.04 5.20 -13.51
CA LYS A 296 -11.93 6.13 -13.54
C LYS A 296 -10.82 5.45 -12.74
N ALA A 297 -9.67 5.29 -13.36
CA ALA A 297 -8.54 4.65 -12.70
C ALA A 297 -8.02 5.60 -11.64
N ILE A 298 -7.74 5.04 -10.47
CA ILE A 298 -7.11 5.81 -9.42
CA ILE A 298 -7.13 5.79 -9.39
C ILE A 298 -5.64 5.50 -9.45
N THR A 299 -4.88 6.44 -10.01
CA THR A 299 -3.48 6.26 -10.35
C THR A 299 -2.58 7.13 -9.49
N PRO A 300 -1.89 6.53 -8.50
CA PRO A 300 -1.94 5.14 -8.09
C PRO A 300 -3.08 4.90 -7.07
N PRO A 301 -3.49 3.64 -6.87
CA PRO A 301 -4.58 3.37 -5.92
C PRO A 301 -4.39 4.07 -4.57
N THR A 302 -5.47 4.56 -3.98
CA THR A 302 -5.41 5.10 -2.64
C THR A 302 -5.32 3.98 -1.60
N PRO A 303 -4.36 4.06 -0.67
CA PRO A 303 -4.33 3.11 0.44
C PRO A 303 -5.59 3.23 1.26
N ALA A 304 -5.94 2.14 1.95
CA ALA A 304 -7.13 2.08 2.77
C ALA A 304 -7.44 3.35 3.60
N VAL A 305 -8.52 4.04 3.22
CA VAL A 305 -9.02 5.25 3.91
C VAL A 305 -9.84 4.89 5.16
N ARG A 306 -9.35 5.24 6.34
CA ARG A 306 -10.09 4.98 7.58
C ARG A 306 -11.49 5.60 7.60
N ALA A 307 -11.66 6.73 6.94
CA ALA A 307 -12.97 7.40 6.92
C ALA A 307 -13.81 6.97 5.73
N SER A 308 -14.00 5.65 5.60
CA SER A 308 -14.80 5.06 4.54
C SER A 308 -15.94 4.28 5.15
N TRP A 309 -17.01 4.12 4.38
CA TRP A 309 -17.99 3.06 4.58
C TRP A 309 -17.54 1.87 3.71
N VAL A 310 -17.03 0.81 4.35
CA VAL A 310 -16.53 -0.37 3.62
C VAL A 310 -17.59 -1.47 3.71
N HIS A 311 -18.00 -1.98 2.55
CA HIS A 311 -19.13 -2.89 2.51
C HIS A 311 -19.10 -4.00 1.43
N LYS A 312 -19.98 -4.98 1.58
CA LYS A 312 -20.17 -6.01 0.55
C LYS A 312 -21.50 -6.68 0.74
N THR A 313 -22.18 -6.81 -0.39
CA THR A 313 -23.45 -7.55 -0.45
CA THR A 313 -23.43 -7.53 -0.45
C THR A 313 -23.16 -8.97 -0.93
N GLY A 314 -24.02 -9.90 -0.55
CA GLY A 314 -23.81 -11.27 -0.98
C GLY A 314 -25.08 -12.09 -0.99
N ALA A 315 -25.25 -12.87 -2.06
CA ALA A 315 -26.43 -13.70 -2.24
C ALA A 315 -26.11 -15.09 -2.77
N THR A 316 -26.92 -16.06 -2.34
CA THR A 316 -27.11 -17.36 -3.01
C THR A 316 -28.62 -17.55 -3.28
N GLY A 317 -29.01 -18.64 -3.93
CA GLY A 317 -30.44 -18.86 -4.19
C GLY A 317 -31.28 -18.72 -2.94
N GLY A 318 -30.75 -19.21 -1.82
CA GLY A 318 -31.48 -19.21 -0.56
C GLY A 318 -30.96 -18.35 0.58
N PHE A 319 -29.94 -17.53 0.32
CA PHE A 319 -29.33 -16.77 1.40
C PHE A 319 -29.05 -15.33 0.98
N GLY A 320 -29.04 -14.42 1.95
CA GLY A 320 -28.70 -12.99 1.70
C GLY A 320 -27.88 -12.43 2.85
N SER A 321 -26.68 -11.92 2.54
CA SER A 321 -25.77 -11.40 3.57
CA SER A 321 -25.75 -11.42 3.55
C SER A 321 -25.36 -9.96 3.32
N TYR A 322 -24.90 -9.30 4.37
CA TYR A 322 -24.38 -7.97 4.27
C TYR A 322 -23.39 -7.71 5.39
N VAL A 323 -22.27 -7.07 5.02
CA VAL A 323 -21.24 -6.66 5.97
C VAL A 323 -20.93 -5.23 5.67
N ALA A 324 -20.85 -4.40 6.71
CA ALA A 324 -20.45 -2.99 6.54
C ALA A 324 -19.69 -2.55 7.75
N PHE A 325 -18.63 -1.78 7.55
CA PHE A 325 -17.89 -1.23 8.68
C PHE A 325 -17.25 0.09 8.35
N ILE A 326 -17.03 0.87 9.41
CA ILE A 326 -16.44 2.20 9.34
C ILE A 326 -15.16 2.24 10.20
N PRO A 327 -14.00 2.08 9.56
CA PRO A 327 -12.74 1.98 10.30
C PRO A 327 -12.48 3.09 11.32
N GLU A 328 -12.67 4.35 10.94
CA GLU A 328 -12.37 5.46 11.84
CA GLU A 328 -12.37 5.48 11.83
C GLU A 328 -13.28 5.51 13.07
N LYS A 329 -14.47 4.93 12.96
CA LYS A 329 -15.42 4.88 14.08
C LYS A 329 -15.31 3.59 14.88
N GLU A 330 -14.53 2.63 14.39
CA GLU A 330 -14.43 1.33 15.06
C GLU A 330 -15.79 0.65 15.13
N LEU A 331 -16.55 0.82 14.05
CA LEU A 331 -17.94 0.47 14.02
C LEU A 331 -18.19 -0.45 12.86
N GLY A 332 -18.96 -1.51 13.08
CA GLY A 332 -19.33 -2.46 12.02
C GLY A 332 -20.60 -3.26 12.25
N ILE A 333 -21.06 -3.94 11.21
CA ILE A 333 -22.25 -4.78 11.28
C ILE A 333 -22.18 -5.95 10.29
N VAL A 334 -22.66 -7.10 10.74
CA VAL A 334 -22.83 -8.26 9.87
C VAL A 334 -24.30 -8.67 9.96
N MET A 335 -24.89 -8.95 8.80
CA MET A 335 -26.29 -9.39 8.75
C MET A 335 -26.36 -10.61 7.87
N LEU A 336 -26.74 -11.75 8.46
CA LEU A 336 -26.80 -13.01 7.73
C LEU A 336 -28.19 -13.51 7.78
N ALA A 337 -28.78 -13.76 6.61
CA ALA A 337 -30.16 -14.28 6.57
C ALA A 337 -30.26 -15.51 5.68
N ASN A 338 -31.17 -16.42 6.03
CA ASN A 338 -31.39 -17.56 5.16
C ASN A 338 -32.56 -17.32 4.19
N LYS A 339 -32.65 -16.09 3.69
CA LYS A 339 -33.45 -15.76 2.52
C LYS A 339 -32.71 -14.71 1.68
N ASN A 340 -32.73 -14.87 0.35
CA ASN A 340 -32.21 -13.83 -0.55
C ASN A 340 -33.23 -12.67 -0.76
N TYR A 341 -33.16 -11.67 0.13
CA TYR A 341 -34.09 -10.51 0.08
C TYR A 341 -33.39 -9.24 -0.43
N PRO A 342 -34.16 -8.24 -0.91
CA PRO A 342 -33.57 -7.12 -1.66
C PRO A 342 -32.35 -6.48 -0.99
N ASN A 343 -31.30 -6.17 -1.77
CA ASN A 343 -30.10 -5.52 -1.22
C ASN A 343 -30.41 -4.19 -0.51
N PRO A 344 -31.28 -3.34 -1.10
CA PRO A 344 -31.49 -2.02 -0.49
C PRO A 344 -32.07 -2.08 0.92
N ALA A 345 -32.90 -3.09 1.19
CA ALA A 345 -33.44 -3.33 2.52
C ALA A 345 -32.32 -3.60 3.54
N ARG A 346 -31.27 -4.31 3.09
CA ARG A 346 -30.13 -4.70 3.92
C ARG A 346 -29.38 -3.45 4.29
N VAL A 347 -28.91 -2.76 3.26
CA VAL A 347 -28.16 -1.52 3.40
C VAL A 347 -28.94 -0.51 4.25
N ASP A 348 -30.24 -0.40 4.01
CA ASP A 348 -31.04 0.47 4.83
C ASP A 348 -31.05 0.09 6.32
N ALA A 349 -31.33 -1.17 6.64
CA ALA A 349 -31.24 -1.63 8.03
C ALA A 349 -29.86 -1.35 8.64
N ALA A 350 -28.80 -1.65 7.87
CA ALA A 350 -27.43 -1.45 8.32
C ALA A 350 -27.08 0.04 8.58
N TRP A 351 -27.43 0.92 7.64
CA TRP A 351 -27.22 2.36 7.85
CA TRP A 351 -27.24 2.36 7.84
C TRP A 351 -28.03 2.86 9.05
N GLN A 352 -29.26 2.39 9.19
CA GLN A 352 -30.08 2.83 10.29
C GLN A 352 -29.41 2.47 11.61
N ILE A 353 -28.89 1.25 11.71
CA ILE A 353 -28.19 0.82 12.93
C ILE A 353 -26.89 1.57 13.19
N LEU A 354 -26.05 1.69 12.16
CA LEU A 354 -24.71 2.26 12.33
C LEU A 354 -24.80 3.74 12.54
N ASN A 355 -25.63 4.43 11.76
CA ASN A 355 -25.81 5.85 11.97
C ASN A 355 -26.18 6.24 13.40
N ALA A 356 -26.99 5.40 14.06
CA ALA A 356 -27.43 5.65 15.42
C ALA A 356 -26.32 5.47 16.47
N LEU A 357 -25.35 4.59 16.18
CA LEU A 357 -24.28 4.29 17.12
C LEU A 357 -23.04 5.15 16.89
N GLN A 358 -23.06 5.89 15.79
CA GLN A 358 -21.90 6.65 15.35
C GLN A 358 -21.80 7.97 16.13
N ALA B 1 32.90 -5.58 16.80
CA ALA B 1 32.09 -6.24 15.72
C ALA B 1 32.63 -7.65 15.43
N PRO B 2 31.76 -8.56 14.96
CA PRO B 2 32.26 -9.82 14.37
C PRO B 2 33.40 -9.56 13.38
N GLN B 3 34.32 -10.52 13.30
CA GLN B 3 35.56 -10.36 12.54
C GLN B 3 35.33 -10.22 11.03
N GLN B 4 34.35 -10.97 10.53
N GLN B 4 34.35 -10.96 10.50
CA GLN B 4 33.96 -10.94 9.13
CA GLN B 4 34.03 -10.90 9.06
C GLN B 4 33.58 -9.52 8.68
C GLN B 4 33.55 -9.50 8.64
N ILE B 5 32.94 -8.77 9.57
CA ILE B 5 32.50 -7.40 9.28
C ILE B 5 33.69 -6.41 9.36
N ASN B 6 34.52 -6.53 10.40
CA ASN B 6 35.72 -5.69 10.48
C ASN B 6 36.61 -5.86 9.26
N ASP B 7 36.70 -7.12 8.82
CA ASP B 7 37.60 -7.45 7.76
C ASP B 7 37.20 -6.82 6.43
N ILE B 8 35.97 -7.10 5.98
CA ILE B 8 35.46 -6.56 4.73
C ILE B 8 35.41 -5.02 4.75
N VAL B 9 35.02 -4.42 5.88
CA VAL B 9 34.97 -2.95 5.93
C VAL B 9 36.39 -2.37 5.79
N HIS B 10 37.31 -2.87 6.60
CA HIS B 10 38.68 -2.39 6.60
C HIS B 10 39.32 -2.52 5.22
N ARG B 11 39.11 -3.66 4.56
CA ARG B 11 39.68 -3.89 3.24
C ARG B 11 39.04 -3.03 2.16
N THR B 12 37.79 -2.64 2.37
CA THR B 12 37.02 -2.01 1.30
C THR B 12 37.04 -0.48 1.41
N ILE B 13 36.63 0.02 2.58
CA ILE B 13 36.46 1.45 2.79
C ILE B 13 37.79 2.18 3.01
N THR B 14 38.64 1.58 3.86
CA THR B 14 39.86 2.26 4.27
C THR B 14 40.71 2.63 3.04
N PRO B 15 40.89 1.68 2.09
CA PRO B 15 41.56 2.01 0.84
C PRO B 15 40.81 3.02 -0.03
N LEU B 16 39.48 2.86 -0.13
CA LEU B 16 38.65 3.84 -0.86
C LEU B 16 38.91 5.27 -0.38
N ILE B 17 39.04 5.43 0.94
CA ILE B 17 39.36 6.71 1.54
C ILE B 17 40.73 7.19 1.02
N GLU B 18 41.73 6.30 1.02
CA GLU B 18 43.05 6.68 0.51
C GLU B 18 42.91 7.14 -0.94
N GLN B 19 42.34 6.27 -1.78
CA GLN B 19 42.14 6.53 -3.21
C GLN B 19 41.41 7.85 -3.54
N GLN B 20 40.34 8.16 -2.80
CA GLN B 20 39.53 9.37 -3.05
C GLN B 20 39.92 10.59 -2.21
N LYS B 21 40.85 10.43 -1.28
CA LYS B 21 41.42 11.56 -0.55
C LYS B 21 40.33 12.17 0.32
N ILE B 22 39.48 11.29 0.85
CA ILE B 22 38.38 11.68 1.73
C ILE B 22 38.90 12.06 3.10
N PRO B 23 38.65 13.32 3.50
CA PRO B 23 39.10 13.85 4.80
C PRO B 23 38.58 13.06 6.01
N GLY B 24 37.30 12.72 6.00
CA GLY B 24 36.68 12.03 7.12
C GLY B 24 35.45 11.23 6.69
N MET B 25 35.12 10.19 7.44
CA MET B 25 34.06 9.28 7.03
C MET B 25 33.53 8.47 8.17
N ALA B 26 32.21 8.26 8.17
CA ALA B 26 31.58 7.31 9.07
C ALA B 26 30.84 6.25 8.25
N VAL B 27 30.77 5.04 8.81
CA VAL B 27 30.03 3.94 8.20
C VAL B 27 29.33 3.14 9.29
N ALA B 28 28.09 2.78 9.01
CA ALA B 28 27.37 1.82 9.82
C ALA B 28 27.04 0.65 8.93
N VAL B 29 27.18 -0.55 9.47
CA VAL B 29 26.73 -1.75 8.81
C VAL B 29 25.70 -2.37 9.69
N ILE B 30 24.53 -2.62 9.11
CA ILE B 30 23.47 -3.33 9.81
CA ILE B 30 23.47 -3.33 9.80
C ILE B 30 23.58 -4.81 9.48
N TYR B 31 23.85 -5.61 10.49
CA TYR B 31 24.03 -7.03 10.28
C TYR B 31 23.05 -7.78 11.16
N GLN B 32 22.20 -8.59 10.51
CA GLN B 32 21.11 -9.27 11.19
C GLN B 32 20.40 -8.27 12.11
N GLY B 33 20.10 -7.09 11.57
CA GLY B 33 19.38 -6.08 12.32
C GLY B 33 20.19 -5.25 13.31
N LYS B 34 21.46 -5.62 13.54
CA LYS B 34 22.29 -4.88 14.54
C LYS B 34 23.35 -3.98 13.91
N PRO B 35 23.46 -2.74 14.40
CA PRO B 35 24.40 -1.76 13.84
C PRO B 35 25.85 -1.91 14.28
N TYR B 36 26.77 -1.66 13.35
CA TYR B 36 28.21 -1.64 13.62
C TYR B 36 28.85 -0.40 13.01
N TYR B 37 29.68 0.28 13.78
CA TYR B 37 30.20 1.61 13.40
C TYR B 37 31.68 1.67 13.15
N PHE B 38 32.06 2.53 12.21
CA PHE B 38 33.43 2.57 11.77
C PHE B 38 33.62 4.02 11.48
N THR B 39 34.77 4.55 11.91
CA THR B 39 35.08 5.97 11.72
CA THR B 39 35.08 5.97 11.76
C THR B 39 36.50 6.17 11.22
N TRP B 40 36.70 7.29 10.53
CA TRP B 40 37.99 7.64 9.92
C TRP B 40 38.18 9.16 9.83
N GLY B 41 39.37 9.62 10.14
CA GLY B 41 39.78 10.96 9.71
C GLY B 41 39.08 12.10 10.41
N TYR B 42 38.95 13.22 9.71
CA TYR B 42 38.51 14.46 10.32
C TYR B 42 37.17 15.01 9.84
N ALA B 43 36.33 15.36 10.81
CA ALA B 43 35.13 16.20 10.57
C ALA B 43 35.56 17.61 10.14
N ASP B 44 36.61 18.11 10.79
CA ASP B 44 37.17 19.43 10.57
C ASP B 44 38.71 19.32 10.55
N ILE B 45 39.31 19.59 9.40
CA ILE B 45 40.75 19.35 9.18
C ILE B 45 41.62 20.36 9.95
N ALA B 46 41.39 21.65 9.70
CA ALA B 46 42.09 22.74 10.41
C ALA B 46 42.16 22.47 11.92
N LYS B 47 40.99 22.37 12.56
CA LYS B 47 40.90 22.06 13.99
C LYS B 47 41.25 20.61 14.36
N LYS B 48 41.56 19.78 13.35
CA LYS B 48 41.79 18.32 13.53
C LYS B 48 40.71 17.66 14.41
N GLN B 49 39.45 18.07 14.17
CA GLN B 49 38.32 17.49 14.88
C GLN B 49 37.99 16.15 14.23
N PRO B 50 37.98 15.06 15.02
CA PRO B 50 37.80 13.75 14.39
C PRO B 50 36.33 13.43 14.19
N VAL B 51 36.04 12.60 13.18
CA VAL B 51 34.70 12.08 12.98
C VAL B 51 34.37 11.19 14.17
N THR B 52 33.19 11.39 14.74
CA THR B 52 32.71 10.52 15.82
C THR B 52 31.31 10.03 15.49
N GLN B 53 30.73 9.26 16.40
CA GLN B 53 29.36 8.80 16.25
C GLN B 53 28.35 9.97 16.35
N GLN B 54 28.83 11.14 16.79
CA GLN B 54 27.98 12.32 16.95
CA GLN B 54 27.99 12.33 16.97
C GLN B 54 28.20 13.37 15.85
N THR B 55 29.10 13.07 14.91
CA THR B 55 29.35 13.98 13.80
C THR B 55 28.19 14.02 12.80
N LEU B 56 27.73 15.22 12.47
CA LEU B 56 26.67 15.41 11.48
C LEU B 56 27.26 15.70 10.12
N PHE B 57 26.78 14.93 9.15
CA PHE B 57 27.16 15.07 7.76
C PHE B 57 25.95 15.58 7.02
N GLU B 58 26.17 16.32 5.94
CA GLU B 58 25.08 16.68 5.06
C GLU B 58 24.76 15.51 4.15
N LEU B 59 23.50 15.10 4.13
CA LEU B 59 23.06 13.90 3.41
C LEU B 59 22.86 14.14 1.91
N GLY B 60 22.70 15.40 1.54
CA GLY B 60 22.36 15.73 0.16
C GLY B 60 21.08 14.99 -0.22
N SER B 61 21.10 14.33 -1.37
CA SER B 61 19.89 13.79 -1.96
C SER B 61 19.37 12.53 -1.26
N VAL B 62 20.17 11.95 -0.38
CA VAL B 62 19.62 10.95 0.52
C VAL B 62 18.49 11.55 1.36
N SER B 63 18.48 12.89 1.51
CA SER B 63 17.37 13.60 2.17
C SER B 63 16.04 13.26 1.50
N LYS B 64 16.09 13.00 0.19
CA LYS B 64 14.90 12.64 -0.59
C LYS B 64 14.17 11.42 -0.04
N THR B 65 14.89 10.53 0.64
CA THR B 65 14.24 9.38 1.25
C THR B 65 13.36 9.79 2.44
N PHE B 66 13.75 10.85 3.15
CA PHE B 66 12.92 11.36 4.24
C PHE B 66 11.65 12.04 3.72
N THR B 67 11.82 12.84 2.66
CA THR B 67 10.68 13.48 2.00
C THR B 67 9.69 12.43 1.51
N GLY B 68 10.22 11.33 0.95
CA GLY B 68 9.42 10.22 0.46
C GLY B 68 8.61 9.57 1.58
N VAL B 69 9.31 9.25 2.67
CA VAL B 69 8.68 8.73 3.87
C VAL B 69 7.68 9.75 4.51
N LEU B 70 8.02 11.03 4.52
CA LEU B 70 7.08 12.02 5.02
C LEU B 70 5.84 12.03 4.14
N GLY B 71 6.07 12.04 2.82
CA GLY B 71 5.00 12.02 1.84
C GLY B 71 4.14 10.80 2.05
N GLY B 72 4.79 9.64 2.22
CA GLY B 72 4.05 8.40 2.43
C GLY B 72 3.22 8.47 3.70
N ASP B 73 3.77 9.10 4.73
CA ASP B 73 3.07 9.20 5.99
C ASP B 73 1.80 10.04 5.83
N ALA B 74 1.90 11.11 5.04
CA ALA B 74 0.76 12.00 4.83
C ALA B 74 -0.34 11.29 4.03
N ILE B 75 0.06 10.37 3.16
CA ILE B 75 -0.91 9.56 2.45
C ILE B 75 -1.64 8.65 3.44
N ALA B 76 -0.91 8.01 4.35
CA ALA B 76 -1.51 7.06 5.28
C ALA B 76 -2.44 7.75 6.24
N ARG B 77 -2.16 9.03 6.51
CA ARG B 77 -3.03 9.89 7.32
C ARG B 77 -4.28 10.36 6.55
N GLY B 78 -4.41 9.96 5.29
CA GLY B 78 -5.53 10.42 4.46
C GLY B 78 -5.51 11.89 4.10
N GLU B 79 -4.40 12.57 4.33
CA GLU B 79 -4.31 14.01 4.04
C GLU B 79 -4.05 14.36 2.56
N ILE B 80 -3.37 13.46 1.84
CA ILE B 80 -3.06 13.66 0.43
C ILE B 80 -3.26 12.34 -0.31
N LYS B 81 -3.51 12.43 -1.61
CA LYS B 81 -3.43 11.25 -2.48
C LYS B 81 -2.45 11.52 -3.64
N LEU B 82 -1.70 10.49 -4.05
CA LEU B 82 -0.74 10.65 -5.14
C LEU B 82 -1.45 10.75 -6.49
N SER B 83 -2.70 10.31 -6.52
CA SER B 83 -3.55 10.40 -7.70
C SER B 83 -4.12 11.79 -7.92
N ASP B 84 -3.97 12.66 -6.90
CA ASP B 84 -4.48 14.06 -6.94
C ASP B 84 -3.66 14.98 -7.81
N PRO B 85 -4.33 15.81 -8.63
CA PRO B 85 -3.69 16.94 -9.33
C PRO B 85 -2.81 17.76 -8.41
N THR B 86 -1.75 18.34 -8.95
CA THR B 86 -0.88 19.25 -8.20
C THR B 86 -1.62 20.48 -7.71
N THR B 87 -2.53 20.99 -8.54
CA THR B 87 -3.23 22.24 -8.27
CA THR B 87 -3.31 22.22 -8.33
C THR B 87 -4.20 22.14 -7.09
N LYS B 88 -4.67 20.95 -6.76
CA LYS B 88 -5.47 20.77 -5.56
C LYS B 88 -4.74 21.38 -4.34
N TYR B 89 -3.41 21.24 -4.29
CA TYR B 89 -2.61 21.62 -3.12
C TYR B 89 -1.85 22.93 -3.33
N TRP B 90 -1.77 23.37 -4.59
CA TRP B 90 -1.28 24.71 -4.88
C TRP B 90 -2.33 25.32 -5.81
N PRO B 91 -3.39 25.91 -5.24
CA PRO B 91 -4.54 26.27 -6.10
C PRO B 91 -4.14 27.33 -7.12
N GLU B 92 -3.15 28.14 -6.72
CA GLU B 92 -2.60 29.26 -7.47
C GLU B 92 -1.77 28.82 -8.69
N LEU B 93 -1.52 27.52 -8.81
CA LEU B 93 -0.75 27.00 -9.91
C LEU B 93 -1.74 26.49 -10.97
N THR B 94 -2.11 27.40 -11.86
CA THR B 94 -3.27 27.25 -12.71
C THR B 94 -2.94 27.09 -14.19
N ALA B 95 -1.67 27.22 -14.53
CA ALA B 95 -1.30 27.13 -15.94
C ALA B 95 -1.64 25.74 -16.54
N LYS B 96 -2.10 25.74 -17.78
CA LYS B 96 -2.75 24.59 -18.40
C LYS B 96 -1.85 23.36 -18.57
N GLN B 97 -0.54 23.58 -18.58
CA GLN B 97 0.40 22.48 -18.74
C GLN B 97 0.46 21.65 -17.46
N TRP B 98 -0.09 22.21 -16.39
CA TRP B 98 -0.07 21.54 -15.10
C TRP B 98 -1.21 20.56 -15.02
N ASN B 99 -2.18 20.74 -15.90
CA ASN B 99 -3.31 19.82 -16.01
C ASN B 99 -2.82 18.41 -16.28
N GLY B 100 -3.21 17.48 -15.41
CA GLY B 100 -2.79 16.09 -15.56
C GLY B 100 -1.53 15.72 -14.80
N ILE B 101 -0.80 16.72 -14.27
CA ILE B 101 0.37 16.42 -13.45
C ILE B 101 -0.04 16.16 -12.00
N THR B 102 0.20 14.93 -11.52
CA THR B 102 -0.18 14.55 -10.17
C THR B 102 1.01 14.58 -9.22
N LEU B 103 0.72 14.48 -7.93
CA LEU B 103 1.74 14.38 -6.89
C LEU B 103 2.63 13.17 -7.14
N LEU B 104 2.07 12.10 -7.68
CA LEU B 104 2.89 10.96 -8.05
C LEU B 104 3.99 11.42 -9.01
N HIS B 105 3.59 12.18 -10.04
CA HIS B 105 4.53 12.66 -11.06
C HIS B 105 5.66 13.47 -10.42
N LEU B 106 5.30 14.38 -9.51
CA LEU B 106 6.28 15.20 -8.78
C LEU B 106 7.20 14.37 -7.89
N ALA B 107 6.61 13.50 -7.09
CA ALA B 107 7.33 12.59 -6.21
C ALA B 107 8.33 11.71 -6.90
N THR B 108 8.08 11.37 -8.16
CA THR B 108 8.87 10.33 -8.81
C THR B 108 9.57 10.80 -10.09
N TYR B 109 9.62 12.12 -10.31
CA TYR B 109 10.39 12.72 -11.41
C TYR B 109 9.78 12.47 -12.79
N THR B 110 8.48 12.23 -12.84
CA THR B 110 7.83 11.85 -14.08
C THR B 110 6.80 12.88 -14.55
N ALA B 111 7.01 14.14 -14.17
CA ALA B 111 6.08 15.20 -14.52
C ALA B 111 6.23 15.59 -15.97
N GLY B 112 7.40 15.31 -16.53
CA GLY B 112 7.66 15.62 -17.93
C GLY B 112 8.83 16.57 -18.10
N GLY B 113 9.86 16.37 -17.27
CA GLY B 113 11.14 17.05 -17.44
C GLY B 113 11.24 18.37 -16.70
N LEU B 114 10.75 18.39 -15.46
CA LEU B 114 11.09 19.48 -14.58
C LEU B 114 12.60 19.44 -14.37
N PRO B 115 13.26 20.60 -14.24
CA PRO B 115 14.73 20.57 -14.38
C PRO B 115 15.41 20.02 -13.13
N LEU B 116 16.68 19.64 -13.27
CA LEU B 116 17.46 19.09 -12.17
C LEU B 116 17.53 20.03 -10.95
N GLN B 117 17.84 21.30 -11.21
CA GLN B 117 17.92 22.24 -10.10
C GLN B 117 16.88 23.29 -10.37
N VAL B 118 16.33 23.84 -9.30
CA VAL B 118 15.68 25.15 -9.38
C VAL B 118 16.81 26.16 -9.62
N PRO B 119 16.64 27.07 -10.61
CA PRO B 119 17.69 28.11 -10.77
C PRO B 119 17.99 28.87 -9.46
N ASP B 120 19.28 29.06 -9.18
CA ASP B 120 19.74 29.84 -8.02
C ASP B 120 19.06 31.21 -7.83
N GLU B 121 18.55 31.78 -8.94
CA GLU B 121 17.93 33.12 -8.87
C GLU B 121 16.58 33.09 -8.16
N VAL B 122 15.91 31.94 -8.21
CA VAL B 122 14.62 31.75 -7.53
C VAL B 122 14.84 31.66 -6.02
N LYS B 123 14.25 32.59 -5.27
CA LYS B 123 14.43 32.66 -3.82
C LYS B 123 13.10 32.77 -3.07
N SER B 124 12.42 33.91 -3.26
CA SER B 124 11.10 34.17 -2.67
C SER B 124 10.01 33.18 -3.15
N SER B 125 8.91 33.12 -2.40
CA SER B 125 7.80 32.23 -2.76
CA SER B 125 7.75 32.27 -2.73
C SER B 125 7.08 32.71 -4.02
N SER B 126 7.24 34.01 -4.30
CA SER B 126 6.74 34.63 -5.53
CA SER B 126 6.73 34.61 -5.52
CA SER B 126 6.74 34.62 -5.52
C SER B 126 7.54 34.16 -6.74
N ASP B 127 8.86 34.03 -6.56
CA ASP B 127 9.77 33.59 -7.61
C ASP B 127 9.41 32.18 -8.06
N LEU B 128 9.06 31.35 -7.10
CA LEU B 128 8.85 29.93 -7.30
C LEU B 128 7.56 29.70 -8.07
N LEU B 129 6.52 30.46 -7.72
CA LEU B 129 5.26 30.39 -8.44
C LEU B 129 5.48 30.71 -9.91
N ARG B 130 6.15 31.84 -10.21
CA ARG B 130 6.45 32.24 -11.59
C ARG B 130 7.19 31.13 -12.31
N PHE B 131 8.27 30.65 -11.68
CA PHE B 131 9.05 29.57 -12.24
C PHE B 131 8.20 28.38 -12.68
N TYR B 132 7.38 27.86 -11.76
CA TYR B 132 6.52 26.69 -12.06
C TYR B 132 5.38 26.99 -13.02
N GLN B 133 4.75 28.17 -12.87
CA GLN B 133 3.73 28.66 -13.82
C GLN B 133 4.30 28.86 -15.22
N ASN B 134 5.61 29.12 -15.31
CA ASN B 134 6.25 29.32 -16.61
C ASN B 134 6.85 28.09 -17.27
N TRP B 135 7.09 27.05 -16.47
CA TRP B 135 7.75 25.86 -16.98
C TRP B 135 6.89 25.18 -18.07
N GLN B 136 7.57 24.77 -19.14
CA GLN B 136 6.94 24.05 -20.23
C GLN B 136 7.59 22.68 -20.31
N PRO B 137 6.77 21.62 -20.31
CA PRO B 137 7.26 20.24 -20.28
C PRO B 137 8.05 19.84 -21.52
N ALA B 138 8.97 18.90 -21.33
CA ALA B 138 9.67 18.30 -22.46
C ALA B 138 8.90 17.08 -22.95
N TRP B 139 8.16 16.44 -22.03
CA TRP B 139 7.30 15.30 -22.37
C TRP B 139 5.93 15.34 -21.66
N ALA B 140 5.03 14.44 -22.08
CA ALA B 140 3.75 14.25 -21.39
C ALA B 140 4.00 13.67 -20.01
N PRO B 141 3.06 13.91 -19.06
CA PRO B 141 3.31 13.33 -17.73
C PRO B 141 3.26 11.80 -17.76
N GLY B 142 4.05 11.17 -16.89
CA GLY B 142 4.08 9.73 -16.74
C GLY B 142 4.64 8.99 -17.93
N THR B 143 5.58 9.61 -18.65
CA THR B 143 6.25 8.92 -19.77
C THR B 143 7.75 8.82 -19.64
N GLN B 144 8.35 9.85 -19.04
CA GLN B 144 9.80 9.86 -18.87
C GLN B 144 10.19 10.20 -17.43
N ARG B 145 11.20 9.51 -16.92
CA ARG B 145 11.81 9.82 -15.65
C ARG B 145 13.04 10.68 -15.86
N LEU B 146 13.01 11.90 -15.30
CA LEU B 146 14.17 12.77 -15.26
C LEU B 146 14.40 13.27 -13.84
N TYR B 147 15.41 12.70 -13.17
CA TYR B 147 15.74 13.01 -11.77
C TYR B 147 15.80 14.51 -11.57
N ALA B 148 15.14 15.02 -10.53
CA ALA B 148 15.01 16.48 -10.37
C ALA B 148 14.62 16.92 -8.97
N ASN B 149 15.48 17.73 -8.35
CA ASN B 149 15.16 18.44 -7.12
C ASN B 149 13.89 19.24 -7.24
N SER B 150 13.68 19.83 -8.42
CA SER B 150 12.54 20.70 -8.62
C SER B 150 11.26 19.88 -8.72
N SER B 151 11.37 18.56 -8.90
CA SER B 151 10.21 17.69 -8.92
C SER B 151 9.86 17.20 -7.51
N ILE B 152 10.76 16.48 -6.87
CA ILE B 152 10.44 15.93 -5.56
C ILE B 152 10.39 17.02 -4.49
N GLY B 153 11.15 18.09 -4.71
CA GLY B 153 11.19 19.21 -3.79
C GLY B 153 9.81 19.83 -3.66
N LEU B 154 9.16 20.06 -4.80
CA LEU B 154 7.78 20.55 -4.78
C LEU B 154 6.83 19.51 -4.21
N PHE B 155 7.07 18.21 -4.42
CA PHE B 155 6.20 17.21 -3.81
C PHE B 155 6.22 17.35 -2.30
N GLY B 156 7.41 17.58 -1.74
CA GLY B 156 7.61 17.65 -0.30
C GLY B 156 6.87 18.82 0.31
N ALA B 157 7.05 19.98 -0.32
CA ALA B 157 6.34 21.19 0.01
C ALA B 157 4.83 21.00 -0.02
N LEU B 158 4.33 20.39 -1.09
CA LEU B 158 2.88 20.23 -1.22
C LEU B 158 2.34 19.13 -0.31
N ALA B 159 3.13 18.09 -0.10
CA ALA B 159 2.72 16.97 0.77
C ALA B 159 2.25 17.42 2.13
N VAL B 160 2.86 18.48 2.66
CA VAL B 160 2.59 18.92 4.04
C VAL B 160 1.50 19.99 4.22
N LYS B 161 1.05 20.62 3.12
CA LYS B 161 0.04 21.69 3.18
CA LYS B 161 0.05 21.70 3.18
C LYS B 161 -1.23 21.34 3.96
N PRO B 162 -1.87 20.18 3.65
CA PRO B 162 -3.08 19.81 4.41
C PRO B 162 -2.91 19.77 5.94
N SER B 163 -1.76 19.29 6.40
CA SER B 163 -1.42 19.22 7.81
C SER B 163 -1.30 20.61 8.43
N GLY B 164 -1.11 21.62 7.57
CA GLY B 164 -0.94 22.99 8.03
C GLY B 164 0.46 23.24 8.57
N LEU B 165 1.23 22.19 8.83
CA LEU B 165 2.59 22.36 9.38
C LEU B 165 3.60 22.84 8.33
N SER B 166 4.68 23.49 8.79
CA SER B 166 5.82 23.77 7.91
C SER B 166 6.50 22.46 7.54
N PHE B 167 7.31 22.45 6.47
CA PHE B 167 7.95 21.19 6.08
C PHE B 167 8.83 20.63 7.22
N GLU B 168 9.66 21.50 7.85
CA GLU B 168 10.53 21.09 8.98
C GLU B 168 9.76 20.52 10.18
N GLN B 169 8.73 21.23 10.64
CA GLN B 169 7.90 20.73 11.75
C GLN B 169 7.21 19.39 11.43
N ALA B 170 6.71 19.24 10.20
CA ALA B 170 6.10 17.98 9.84
C ALA B 170 7.15 16.88 9.94
N MET B 171 8.34 17.15 9.44
CA MET B 171 9.40 16.15 9.40
C MET B 171 9.89 15.78 10.80
N GLN B 172 10.13 16.80 11.62
CA GLN B 172 10.56 16.62 13.00
C GLN B 172 9.60 15.77 13.83
N THR B 173 8.32 16.14 13.82
CA THR B 173 7.32 15.49 14.69
C THR B 173 6.75 14.17 14.13
N ARG B 174 6.81 13.98 12.81
CA ARG B 174 6.14 12.84 12.23
C ARG B 174 7.14 11.79 11.85
N VAL B 175 8.37 12.24 11.60
CA VAL B 175 9.42 11.31 11.16
C VAL B 175 10.59 11.21 12.15
N PHE B 176 11.32 12.31 12.37
CA PHE B 176 12.56 12.23 13.18
C PHE B 176 12.30 11.77 14.62
N GLN B 177 11.28 12.34 15.24
CA GLN B 177 10.97 12.06 16.64
C GLN B 177 10.42 10.68 16.96
N PRO B 178 9.46 10.16 16.16
CA PRO B 178 9.01 8.81 16.51
C PRO B 178 10.10 7.77 16.28
N LEU B 179 10.97 8.02 15.31
CA LEU B 179 12.05 7.08 15.01
C LEU B 179 13.24 7.32 15.93
N LYS B 180 13.14 8.40 16.70
CA LYS B 180 14.11 8.78 17.74
C LYS B 180 15.41 9.20 17.13
N LEU B 181 15.32 9.91 16.00
CA LEU B 181 16.52 10.43 15.36
C LEU B 181 16.87 11.79 15.99
N ASN B 182 17.51 11.72 17.15
CA ASN B 182 17.69 12.89 18.01
C ASN B 182 18.81 13.89 17.58
N HIS B 183 19.59 13.53 16.56
CA HIS B 183 20.64 14.42 16.03
C HIS B 183 20.56 14.53 14.53
N THR B 184 19.34 14.78 14.08
CA THR B 184 18.98 14.82 12.67
C THR B 184 18.21 16.13 12.48
N TRP B 185 18.69 16.94 11.54
CA TRP B 185 18.18 18.29 11.39
C TRP B 185 18.06 18.74 9.95
N ILE B 186 17.09 19.62 9.70
CA ILE B 186 17.02 20.38 8.46
C ILE B 186 17.84 21.66 8.64
N ASN B 187 17.70 22.24 9.84
CA ASN B 187 18.44 23.43 10.29
C ASN B 187 19.18 23.12 11.57
N VAL B 188 20.51 23.06 11.46
CA VAL B 188 21.34 22.61 12.55
C VAL B 188 21.28 23.64 13.66
N PRO B 189 20.81 23.21 14.83
CA PRO B 189 20.63 24.14 15.94
C PRO B 189 22.01 24.50 16.53
N PRO B 190 22.12 25.68 17.17
CA PRO B 190 23.43 26.12 17.74
C PRO B 190 24.14 25.08 18.64
N ALA B 191 23.35 24.34 19.43
CA ALA B 191 23.86 23.30 20.34
C ALA B 191 24.54 22.15 19.60
N GLU B 192 24.29 22.07 18.29
CA GLU B 192 24.81 21.00 17.45
C GLU B 192 25.92 21.48 16.51
N GLU B 193 26.09 22.79 16.38
CA GLU B 193 27.08 23.36 15.46
C GLU B 193 28.46 22.77 15.59
N LYS B 194 28.87 22.45 16.82
CA LYS B 194 30.21 21.91 17.08
C LYS B 194 30.41 20.47 16.57
N ASN B 195 29.33 19.70 16.48
CA ASN B 195 29.40 18.36 15.89
C ASN B 195 29.19 18.34 14.35
N TYR B 196 28.98 19.52 13.79
CA TYR B 196 28.66 19.64 12.38
C TYR B 196 29.94 19.69 11.57
N ALA B 197 30.24 18.59 10.88
CA ALA B 197 31.44 18.48 10.06
C ALA B 197 31.47 19.51 8.95
N TRP B 198 32.67 19.90 8.53
CA TRP B 198 32.82 20.67 7.29
C TRP B 198 32.88 19.74 6.09
N GLY B 199 32.22 20.15 5.02
CA GLY B 199 32.39 19.54 3.72
C GLY B 199 33.63 20.13 3.10
N TYR B 200 34.25 19.39 2.18
CA TYR B 200 35.48 19.86 1.55
C TYR B 200 35.39 19.76 0.04
N ARG B 201 35.38 20.92 -0.60
CA ARG B 201 35.40 21.00 -2.05
CA ARG B 201 35.35 21.04 -2.06
C ARG B 201 36.58 21.85 -2.48
N GLU B 202 37.36 21.29 -3.42
CA GLU B 202 38.61 21.94 -3.92
C GLU B 202 39.49 22.46 -2.78
N GLY B 203 39.64 21.65 -1.73
CA GLY B 203 40.45 21.98 -0.55
C GLY B 203 39.77 22.85 0.49
N LYS B 204 38.70 23.53 0.11
CA LYS B 204 38.04 24.53 0.97
C LYS B 204 36.88 23.95 1.79
N ALA B 205 36.78 24.36 3.05
CA ALA B 205 35.69 23.94 3.92
C ALA B 205 34.39 24.64 3.52
N VAL B 206 33.34 23.85 3.27
CA VAL B 206 32.04 24.39 2.86
C VAL B 206 30.86 23.74 3.55
N HIS B 207 29.80 24.52 3.66
CA HIS B 207 28.51 23.96 3.98
C HIS B 207 27.56 24.24 2.84
N VAL B 208 26.53 23.40 2.70
CA VAL B 208 25.50 23.62 1.68
C VAL B 208 24.84 25.01 1.86
N SER B 209 24.77 25.76 0.76
CA SER B 209 24.13 27.09 0.76
CA SER B 209 24.13 27.08 0.77
C SER B 209 22.62 26.94 0.70
N PRO B 210 21.88 27.91 1.27
CA PRO B 210 20.42 27.86 1.11
C PRO B 210 20.01 27.88 -0.36
N GLY B 211 18.88 27.26 -0.67
CA GLY B 211 18.31 27.35 -2.01
C GLY B 211 16.83 27.13 -1.90
N ALA B 212 16.06 27.49 -2.91
CA ALA B 212 14.66 27.13 -2.95
C ALA B 212 14.55 25.60 -2.82
N LEU B 213 13.58 25.14 -2.04
CA LEU B 213 13.31 23.71 -1.81
C LEU B 213 14.50 22.90 -1.34
N ASP B 214 15.48 23.54 -0.72
CA ASP B 214 16.65 22.82 -0.19
C ASP B 214 16.23 21.74 0.81
N ALA B 215 15.41 22.10 1.81
CA ALA B 215 14.93 21.14 2.82
C ALA B 215 14.30 19.87 2.21
N GLU B 216 13.44 20.09 1.21
CA GLU B 216 12.63 19.06 0.61
C GLU B 216 13.46 18.16 -0.30
N ALA B 217 14.51 18.72 -0.90
CA ALA B 217 15.30 18.04 -1.91
C ALA B 217 16.68 17.52 -1.44
N TYR B 218 17.36 18.27 -0.58
CA TYR B 218 18.75 17.92 -0.24
C TYR B 218 19.25 18.42 1.13
N GLY B 219 18.32 18.79 2.00
CA GLY B 219 18.66 19.57 3.18
C GLY B 219 18.84 18.89 4.52
N VAL B 220 18.74 17.57 4.59
CA VAL B 220 18.91 16.90 5.88
C VAL B 220 20.39 16.69 6.23
N LYS B 221 20.70 16.90 7.51
CA LYS B 221 22.00 16.60 8.09
C LYS B 221 21.75 15.63 9.24
N SER B 222 22.63 14.64 9.37
CA SER B 222 22.43 13.57 10.32
C SER B 222 23.76 12.96 10.74
N THR B 223 23.73 12.21 11.85
CA THR B 223 24.84 11.40 12.33
C THR B 223 24.77 9.96 11.82
N ILE B 224 25.88 9.23 11.96
CA ILE B 224 25.93 7.82 11.54
C ILE B 224 25.08 6.90 12.41
N GLU B 225 24.85 7.29 13.67
CA GLU B 225 23.96 6.50 14.52
C GLU B 225 22.52 6.70 14.06
N ASP B 226 22.13 7.96 13.84
CA ASP B 226 20.78 8.24 13.41
C ASP B 226 20.51 7.55 12.09
N MET B 227 21.45 7.66 11.15
CA MET B 227 21.35 7.02 9.85
C MET B 227 21.28 5.48 9.93
N ALA B 228 21.99 4.89 10.89
CA ALA B 228 21.85 3.47 11.13
C ALA B 228 20.41 3.13 11.55
N ARG B 229 19.86 3.96 12.43
CA ARG B 229 18.50 3.73 12.90
CA ARG B 229 18.50 3.83 12.93
C ARG B 229 17.50 3.96 11.76
N TRP B 230 17.75 4.97 10.92
CA TRP B 230 16.98 5.18 9.68
C TRP B 230 16.91 3.90 8.79
N VAL B 231 18.02 3.16 8.75
CA VAL B 231 18.04 1.99 7.90
C VAL B 231 17.29 0.88 8.62
N GLN B 232 17.45 0.83 9.94
CA GLN B 232 16.78 -0.18 10.74
C GLN B 232 15.29 -0.03 10.55
N SER B 233 14.84 1.22 10.56
CA SER B 233 13.41 1.54 10.43
C SER B 233 12.89 1.11 9.09
N ASN B 234 13.63 1.46 8.04
CA ASN B 234 13.28 1.10 6.68
C ASN B 234 13.43 -0.40 6.36
N LEU B 235 14.32 -1.09 7.05
CA LEU B 235 14.44 -2.54 6.93
C LEU B 235 13.24 -3.28 7.48
N LYS B 236 12.71 -2.82 8.61
CA LYS B 236 11.54 -3.44 9.26
C LYS B 236 10.54 -2.36 9.63
N PRO B 237 9.75 -1.91 8.64
CA PRO B 237 8.77 -0.85 8.91
C PRO B 237 7.69 -1.33 9.90
N LEU B 238 7.36 -2.61 9.85
CA LEU B 238 6.32 -3.25 10.66
C LEU B 238 6.57 -3.16 12.17
N ASP B 239 7.84 -2.96 12.55
CA ASP B 239 8.21 -2.76 13.96
C ASP B 239 7.97 -1.36 14.50
N ILE B 240 7.55 -0.44 13.63
CA ILE B 240 7.25 0.94 14.05
CA ILE B 240 7.24 0.93 14.05
C ILE B 240 5.83 0.99 14.62
N ASN B 241 5.71 1.55 15.83
CA ASN B 241 4.44 1.64 16.54
C ASN B 241 3.43 2.61 15.94
N GLU B 242 3.92 3.72 15.39
CA GLU B 242 3.05 4.74 14.81
C GLU B 242 2.53 4.21 13.48
N LYS B 243 1.22 3.95 13.42
CA LYS B 243 0.62 3.23 12.29
C LYS B 243 0.87 3.84 10.91
N THR B 244 0.77 5.17 10.83
CA THR B 244 0.90 5.84 9.56
C THR B 244 2.35 5.90 9.07
N LEU B 245 3.28 6.11 9.99
CA LEU B 245 4.70 6.11 9.67
C LEU B 245 5.08 4.75 9.11
N GLN B 246 4.63 3.71 9.79
CA GLN B 246 4.83 2.33 9.37
C GLN B 246 4.33 2.11 7.94
N GLN B 247 3.19 2.69 7.60
N GLN B 247 3.14 2.66 7.63
CA GLN B 247 2.68 2.58 6.22
CA GLN B 247 2.57 2.58 6.27
C GLN B 247 3.46 3.53 5.30
C GLN B 247 3.35 3.53 5.31
N GLY B 248 3.74 4.71 5.82
CA GLY B 248 4.60 5.66 5.13
C GLY B 248 5.83 4.97 4.60
N ILE B 249 6.53 4.22 5.46
CA ILE B 249 7.75 3.53 5.03
C ILE B 249 7.48 2.48 3.95
N GLN B 250 6.46 1.65 4.14
CA GLN B 250 6.09 0.68 3.11
CA GLN B 250 6.09 0.68 3.11
C GLN B 250 5.73 1.36 1.77
N LEU B 251 5.12 2.54 1.83
CA LEU B 251 4.70 3.22 0.60
C LEU B 251 5.88 3.82 -0.20
N ALA B 252 6.86 4.39 0.51
CA ALA B 252 8.07 4.93 -0.13
C ALA B 252 8.92 3.84 -0.83
N GLN B 253 8.68 2.58 -0.43
CA GLN B 253 9.29 1.41 -1.08
C GLN B 253 8.38 0.68 -2.05
N SER B 254 7.18 1.19 -2.26
CA SER B 254 6.38 0.66 -3.34
C SER B 254 7.06 0.99 -4.68
N ARG B 255 6.91 0.09 -5.65
CA ARG B 255 7.51 0.28 -6.98
C ARG B 255 6.48 0.91 -7.91
N TYR B 256 6.65 2.18 -8.21
CA TYR B 256 5.65 2.90 -9.01
C TYR B 256 5.91 2.94 -10.51
N TRP B 257 7.19 2.87 -10.88
CA TRP B 257 7.63 2.86 -12.27
C TRP B 257 8.81 1.92 -12.42
N GLN B 258 8.99 1.37 -13.61
CA GLN B 258 10.19 0.64 -13.92
C GLN B 258 10.84 1.25 -15.14
N THR B 259 12.15 1.45 -15.01
CA THR B 259 13.00 1.79 -16.12
C THR B 259 14.15 0.79 -16.05
N GLY B 260 14.36 0.04 -17.13
CA GLY B 260 15.42 -0.98 -17.12
C GLY B 260 15.17 -2.00 -16.02
N ASP B 261 16.13 -2.17 -15.11
CA ASP B 261 15.94 -3.07 -13.96
C ASP B 261 15.79 -2.33 -12.63
N MET B 262 15.59 -1.01 -12.74
CA MET B 262 15.42 -0.08 -11.63
CA MET B 262 15.41 -0.12 -11.59
C MET B 262 13.94 0.19 -11.37
N TYR B 263 13.55 0.30 -10.11
CA TYR B 263 12.17 0.66 -9.80
C TYR B 263 12.15 1.93 -8.98
N GLN B 264 11.25 2.84 -9.32
CA GLN B 264 11.23 4.10 -8.62
C GLN B 264 10.22 4.08 -7.49
N GLY B 265 10.70 4.24 -6.26
CA GLY B 265 9.83 4.43 -5.10
C GLY B 265 9.64 5.91 -4.83
N LEU B 266 9.27 6.26 -3.60
CA LEU B 266 9.22 7.67 -3.20
C LEU B 266 10.55 7.98 -2.51
N GLY B 267 11.41 8.72 -3.21
CA GLY B 267 12.81 8.90 -2.77
C GLY B 267 13.67 7.66 -3.02
N TRP B 268 13.38 6.57 -2.33
CA TRP B 268 14.10 5.32 -2.53
C TRP B 268 14.01 4.84 -3.97
N GLU B 269 15.04 4.12 -4.40
CA GLU B 269 15.02 3.38 -5.65
C GLU B 269 15.31 1.94 -5.28
N MET B 270 14.92 0.99 -6.15
CA MET B 270 14.96 -0.44 -5.81
C MET B 270 15.30 -1.32 -7.01
N LEU B 271 15.99 -2.43 -6.76
CA LEU B 271 16.17 -3.48 -7.78
C LEU B 271 15.85 -4.80 -7.13
N ASP B 272 15.43 -5.80 -7.91
CA ASP B 272 15.22 -7.13 -7.33
C ASP B 272 16.56 -7.68 -6.76
N TRP B 273 16.49 -8.40 -5.65
CA TRP B 273 17.69 -9.09 -5.15
C TRP B 273 17.66 -10.58 -5.56
N PRO B 274 18.82 -11.13 -5.97
CA PRO B 274 20.13 -10.50 -6.15
C PRO B 274 20.18 -9.54 -7.31
N VAL B 275 21.14 -8.61 -7.24
CA VAL B 275 21.33 -7.63 -8.30
C VAL B 275 22.53 -7.97 -9.13
N ASN B 276 22.47 -7.62 -10.40
CA ASN B 276 23.67 -7.45 -11.18
C ASN B 276 24.36 -6.19 -10.63
N PRO B 277 25.57 -6.33 -10.07
CA PRO B 277 26.22 -5.14 -9.50
C PRO B 277 26.63 -4.15 -10.58
N ASP B 278 26.96 -4.65 -11.77
CA ASP B 278 27.24 -3.77 -12.91
C ASP B 278 26.13 -2.75 -13.04
N SER B 279 24.93 -3.23 -12.76
CA SER B 279 23.74 -2.46 -13.00
C SER B 279 23.65 -1.26 -12.05
N ILE B 280 23.73 -1.51 -10.74
CA ILE B 280 23.72 -0.42 -9.77
C ILE B 280 24.99 0.44 -9.81
N ILE B 281 26.15 -0.16 -10.05
CA ILE B 281 27.41 0.59 -10.09
C ILE B 281 27.43 1.57 -11.27
N ASN B 282 27.26 1.05 -12.48
CA ASN B 282 27.18 1.92 -13.66
C ASN B 282 25.96 2.82 -13.65
N GLY B 283 24.84 2.30 -13.17
CA GLY B 283 23.59 3.06 -13.15
C GLY B 283 23.69 4.34 -12.33
N SER B 284 24.64 4.36 -11.40
CA SER B 284 24.77 5.44 -10.45
C SER B 284 25.67 6.57 -10.92
N ASP B 285 26.41 6.36 -12.01
CA ASP B 285 27.20 7.44 -12.62
C ASP B 285 26.20 8.46 -13.11
N ASN B 286 26.52 9.73 -12.92
CA ASN B 286 25.58 10.80 -13.26
C ASN B 286 25.11 10.81 -14.71
N LYS B 287 25.97 10.41 -15.64
CA LYS B 287 25.55 10.39 -17.05
C LYS B 287 24.40 9.42 -17.27
N ILE B 288 24.17 8.51 -16.31
CA ILE B 288 23.01 7.62 -16.38
C ILE B 288 21.91 8.11 -15.42
N ALA B 289 22.27 8.21 -14.14
CA ALA B 289 21.36 8.60 -13.08
C ALA B 289 20.59 9.92 -13.32
N LEU B 290 21.23 10.85 -14.02
CA LEU B 290 20.65 12.16 -14.30
C LEU B 290 20.04 12.30 -15.69
N ALA B 291 20.13 11.25 -16.51
CA ALA B 291 19.61 11.25 -17.88
C ALA B 291 18.13 10.88 -17.92
N ALA B 292 17.38 11.43 -18.87
CA ALA B 292 15.99 11.04 -19.06
C ALA B 292 15.92 9.57 -19.43
N ARG B 293 14.97 8.84 -18.83
CA ARG B 293 14.75 7.42 -19.19
C ARG B 293 13.25 7.13 -19.28
N PRO B 294 12.82 6.37 -20.31
CA PRO B 294 11.40 5.97 -20.39
C PRO B 294 10.97 5.07 -19.23
N VAL B 295 9.75 5.28 -18.74
CA VAL B 295 9.21 4.49 -17.63
C VAL B 295 7.98 3.73 -18.02
N LYS B 296 7.83 2.57 -17.41
CA LYS B 296 6.62 1.77 -17.59
C LYS B 296 5.84 1.84 -16.28
N ALA B 297 4.59 2.23 -16.39
CA ALA B 297 3.75 2.31 -15.22
C ALA B 297 3.68 0.93 -14.59
N ILE B 298 3.80 0.88 -13.28
CA ILE B 298 3.48 -0.34 -12.56
C ILE B 298 2.08 -0.16 -11.99
N THR B 299 1.13 -0.81 -12.66
CA THR B 299 -0.29 -0.59 -12.47
C THR B 299 -0.98 -1.83 -11.89
N PRO B 300 -1.25 -1.84 -10.57
CA PRO B 300 -0.91 -0.90 -9.50
C PRO B 300 0.52 -1.11 -8.98
N PRO B 301 1.04 -0.12 -8.24
CA PRO B 301 2.39 -0.26 -7.72
C PRO B 301 2.52 -1.55 -6.94
N THR B 302 3.63 -2.25 -7.16
CA THR B 302 4.00 -3.40 -6.34
C THR B 302 4.39 -2.89 -4.96
N PRO B 303 3.82 -3.48 -3.90
CA PRO B 303 4.19 -3.18 -2.51
C PRO B 303 5.65 -3.55 -2.25
N ALA B 304 6.22 -2.95 -1.19
CA ALA B 304 7.60 -3.27 -0.79
C ALA B 304 7.97 -4.74 -0.95
N VAL B 305 8.87 -4.98 -1.89
CA VAL B 305 9.45 -6.28 -2.11
C VAL B 305 10.62 -6.48 -1.12
N ARG B 306 10.49 -7.49 -0.25
CA ARG B 306 11.48 -7.81 0.77
C ARG B 306 12.82 -8.11 0.14
N ALA B 307 12.78 -8.90 -0.93
CA ALA B 307 13.97 -9.26 -1.69
C ALA B 307 14.35 -8.17 -2.71
N SER B 308 14.58 -6.97 -2.21
CA SER B 308 15.10 -5.88 -3.03
C SER B 308 16.40 -5.36 -2.50
N TRP B 309 17.20 -4.78 -3.39
CA TRP B 309 18.27 -3.88 -3.03
C TRP B 309 17.63 -2.49 -3.05
N VAL B 310 17.55 -1.83 -1.91
CA VAL B 310 16.89 -0.53 -1.79
C VAL B 310 17.94 0.50 -1.47
N HIS B 311 18.03 1.57 -2.26
CA HIS B 311 19.19 2.47 -2.11
C HIS B 311 18.95 3.91 -2.56
N LYS B 312 19.91 4.77 -2.20
CA LYS B 312 19.93 6.17 -2.62
C LYS B 312 21.31 6.81 -2.39
N THR B 313 21.85 7.38 -3.47
CA THR B 313 22.99 8.30 -3.40
C THR B 313 22.56 9.73 -3.03
N GLY B 314 23.50 10.47 -2.50
CA GLY B 314 23.27 11.90 -2.29
C GLY B 314 24.59 12.64 -2.20
N ALA B 315 24.55 13.89 -2.62
CA ALA B 315 25.72 14.75 -2.55
C ALA B 315 25.29 16.18 -2.26
N THR B 316 26.16 16.93 -1.59
CA THR B 316 26.14 18.37 -1.63
C THR B 316 27.51 18.72 -2.20
N GLY B 317 27.82 20.00 -2.34
CA GLY B 317 29.13 20.37 -2.89
C GLY B 317 30.30 19.75 -2.14
N GLY B 318 30.16 19.55 -0.83
CA GLY B 318 31.27 19.05 -0.01
C GLY B 318 31.06 17.69 0.65
N PHE B 319 29.97 17.00 0.32
CA PHE B 319 29.67 15.74 1.00
C PHE B 319 29.20 14.70 0.00
N GLY B 320 29.37 13.42 0.34
CA GLY B 320 28.92 12.33 -0.51
C GLY B 320 28.42 11.23 0.38
N SER B 321 27.20 10.75 0.13
CA SER B 321 26.59 9.76 0.98
CA SER B 321 26.58 9.76 0.99
C SER B 321 26.00 8.61 0.18
N TYR B 322 25.66 7.53 0.86
CA TYR B 322 25.09 6.38 0.25
C TYR B 322 24.45 5.53 1.31
N VAL B 323 23.25 5.07 1.00
CA VAL B 323 22.54 4.11 1.82
C VAL B 323 22.03 2.99 0.93
N ALA B 324 22.34 1.76 1.30
CA ALA B 324 21.75 0.59 0.63
C ALA B 324 21.32 -0.44 1.68
N PHE B 325 20.20 -1.14 1.42
CA PHE B 325 19.74 -2.20 2.31
C PHE B 325 18.91 -3.25 1.59
N ILE B 326 18.82 -4.42 2.21
CA ILE B 326 18.09 -5.55 1.66
C ILE B 326 17.20 -6.09 2.77
N PRO B 327 15.89 -5.79 2.71
CA PRO B 327 14.96 -6.16 3.79
C PRO B 327 14.98 -7.66 4.12
N GLU B 328 14.94 -8.49 3.08
CA GLU B 328 14.94 -9.95 3.25
C GLU B 328 16.14 -10.51 4.04
N LYS B 329 17.28 -9.80 4.02
CA LYS B 329 18.49 -10.29 4.69
C LYS B 329 18.81 -9.53 5.98
N GLU B 330 18.00 -8.52 6.29
CA GLU B 330 18.17 -7.76 7.51
C GLU B 330 19.57 -7.14 7.51
N LEU B 331 19.91 -6.62 6.35
CA LEU B 331 21.27 -6.23 6.04
C LEU B 331 21.32 -4.87 5.36
N GLY B 332 22.22 -4.01 5.81
CA GLY B 332 22.37 -2.71 5.19
C GLY B 332 23.66 -1.99 5.56
N ILE B 333 23.89 -0.88 4.86
CA ILE B 333 25.05 -0.03 5.05
C ILE B 333 24.71 1.45 4.87
N VAL B 334 25.35 2.29 5.70
CA VAL B 334 25.33 3.74 5.50
C VAL B 334 26.76 4.25 5.34
N MET B 335 27.02 5.01 4.29
CA MET B 335 28.36 5.58 4.11
C MET B 335 28.32 7.10 4.03
N LEU B 336 28.88 7.79 5.04
CA LEU B 336 28.90 9.26 5.05
C LEU B 336 30.30 9.82 5.02
N ALA B 337 30.58 10.64 4.00
CA ALA B 337 31.89 11.25 3.81
C ALA B 337 31.72 12.73 3.55
N ASN B 338 32.68 13.52 4.06
CA ASN B 338 32.72 14.95 3.85
C ASN B 338 33.62 15.30 2.69
N LYS B 339 33.46 14.54 1.61
CA LYS B 339 33.88 14.96 0.28
C LYS B 339 32.93 14.31 -0.72
N ASN B 340 32.53 15.06 -1.73
CA ASN B 340 31.73 14.51 -2.83
C ASN B 340 32.59 13.77 -3.87
N TYR B 341 32.68 12.45 -3.69
CA TYR B 341 33.46 11.60 -4.58
C TYR B 341 32.52 10.77 -5.49
N PRO B 342 33.02 10.32 -6.65
CA PRO B 342 32.15 9.64 -7.62
C PRO B 342 31.21 8.57 -7.05
N ASN B 343 29.92 8.67 -7.42
CA ASN B 343 28.90 7.69 -7.01
C ASN B 343 29.30 6.23 -7.22
N PRO B 344 29.84 5.89 -8.41
CA PRO B 344 30.11 4.45 -8.64
C PRO B 344 31.12 3.83 -7.65
N ALA B 345 31.99 4.67 -7.11
CA ALA B 345 32.94 4.24 -6.10
C ALA B 345 32.24 3.90 -4.78
N ARG B 346 31.17 4.63 -4.47
CA ARG B 346 30.34 4.39 -3.28
C ARG B 346 29.62 3.07 -3.43
N VAL B 347 28.88 2.97 -4.53
CA VAL B 347 28.08 1.79 -4.78
C VAL B 347 28.97 0.54 -4.84
N ASP B 348 30.12 0.63 -5.50
CA ASP B 348 31.03 -0.52 -5.58
C ASP B 348 31.45 -1.01 -4.20
N ALA B 349 31.89 -0.07 -3.36
CA ALA B 349 32.36 -0.44 -2.03
C ALA B 349 31.22 -1.12 -1.23
N ALA B 350 30.03 -0.53 -1.32
CA ALA B 350 28.83 -0.98 -0.61
C ALA B 350 28.44 -2.38 -1.05
N TRP B 351 28.46 -2.61 -2.36
CA TRP B 351 28.19 -3.97 -2.91
CA TRP B 351 28.16 -3.95 -2.87
C TRP B 351 29.19 -4.99 -2.39
N GLN B 352 30.45 -4.61 -2.35
CA GLN B 352 31.49 -5.52 -1.86
C GLN B 352 31.20 -5.93 -0.41
N ILE B 353 30.85 -4.94 0.42
CA ILE B 353 30.63 -5.24 1.81
C ILE B 353 29.41 -6.14 2.02
N LEU B 354 28.28 -5.71 1.45
CA LEU B 354 27.00 -6.39 1.61
C LEU B 354 26.99 -7.77 0.97
N ASN B 355 27.57 -7.87 -0.23
CA ASN B 355 27.73 -9.16 -0.88
C ASN B 355 28.50 -10.15 -0.02
N ALA B 356 29.60 -9.70 0.59
CA ALA B 356 30.35 -10.58 1.48
C ALA B 356 29.54 -11.04 2.68
N LEU B 357 28.64 -10.20 3.16
CA LEU B 357 27.96 -10.48 4.41
C LEU B 357 26.66 -11.25 4.24
N GLN B 358 26.03 -11.11 3.09
CA GLN B 358 24.79 -11.85 2.84
C GLN B 358 25.05 -13.34 2.80
P PO4 C . -24.39 -10.35 -4.79
O1 PO4 C . -23.04 -9.73 -5.22
O2 PO4 C . -25.39 -10.27 -5.95
O3 PO4 C . -24.16 -11.82 -4.42
O4 PO4 C . -24.99 -9.55 -3.60
P PO4 D . -7.13 -22.66 -13.29
O1 PO4 D . -6.78 -23.33 -14.61
O2 PO4 D . -8.63 -22.45 -13.02
O3 PO4 D . -6.63 -23.51 -12.12
O4 PO4 D . -6.42 -21.32 -13.38
P PO4 E . 3.86 -19.19 6.24
O1 PO4 E . 4.63 -19.29 4.89
O2 PO4 E . 2.46 -19.87 6.08
O3 PO4 E . 4.63 -19.91 7.39
O4 PO4 E . 3.65 -17.69 6.63
O14 G14 F . -13.43 -27.34 24.11
C12 G14 F . -12.68 -27.72 23.15
O13 G14 F . -11.58 -28.37 23.31
C10 G14 F . -13.17 -27.42 21.78
C9 G14 F . -12.43 -27.17 20.62
N8 G14 F . -13.33 -26.93 19.60
C7 G14 F . -14.57 -27.05 20.16
N11 G14 F . -14.51 -27.33 21.50
C6 G14 F . -15.75 -26.84 19.25
C1 G14 F . -15.96 -27.72 18.18
C2 G14 F . -17.03 -27.54 17.31
C3 G14 F . -17.93 -26.51 17.52
C4 G14 F . -17.72 -25.63 18.60
C5 G14 F . -16.64 -25.80 19.46
C1 PEG G . -13.92 -4.73 -28.32
O1 PEG G . -14.49 -4.89 -29.66
C2 PEG G . -12.53 -4.09 -28.49
O2 PEG G . -11.59 -4.62 -27.49
C3 PEG G . -10.77 -3.56 -26.95
C4 PEG G . -9.37 -3.61 -27.55
O4 PEG G . -8.57 -4.40 -26.62
O14 G14 H . 2.06 -29.76 4.08
C12 G14 H . 1.16 -30.15 3.28
O13 G14 H . 0.38 -31.12 3.49
C10 G14 H . 1.05 -29.43 2.00
C9 G14 H . -0.09 -29.22 1.20
N8 G14 H . 0.31 -28.50 0.09
C7 G14 H . 1.65 -28.31 0.27
N11 G14 H . 2.13 -28.85 1.42
C6 G14 H . 2.36 -27.56 -0.78
C1 G14 H . 3.57 -26.94 -0.41
C2 G14 H . 4.28 -26.21 -1.35
C3 G14 H . 3.78 -26.14 -2.66
C4 G14 H . 2.56 -26.77 -3.02
C5 G14 H . 1.85 -27.49 -2.07
P PO4 I . 22.52 12.97 -6.17
O1 PO4 I . 23.22 13.93 -5.18
O2 PO4 I . 23.05 13.10 -7.62
O3 PO4 I . 22.68 11.50 -5.73
O4 PO4 I . 21.05 13.41 -6.05
P PO4 J . -0.20 12.74 15.36
O1 PO4 J . 1.16 13.43 14.99
O2 PO4 J . -0.01 11.22 15.36
O3 PO4 J . -0.63 13.19 16.77
O4 PO4 J . -1.32 13.17 14.40
P PO4 K . 8.22 35.23 0.73
O1 PO4 K . 9.06 35.77 -0.42
O2 PO4 K . 7.94 33.72 0.56
O3 PO4 K . 8.98 35.40 2.06
O4 PO4 K . 6.86 35.96 0.82
O14 G14 L . 22.96 16.03 -8.63
C12 G14 L . 22.18 15.93 -7.63
O13 G14 L . 21.50 14.89 -7.42
C10 G14 L . 22.05 17.01 -6.61
C9 G14 L . 21.36 16.92 -5.40
N8 G14 L . 21.51 18.09 -4.70
C7 G14 L . 22.29 18.87 -5.48
N11 G14 L . 22.65 18.23 -6.65
C6 G14 L . 22.62 20.22 -4.94
C1 G14 L . 22.13 21.36 -5.57
C2 G14 L . 22.42 22.64 -5.11
C3 G14 L . 23.28 22.76 -4.00
C4 G14 L . 23.79 21.61 -3.36
C5 G14 L . 23.46 20.34 -3.85
S DMS M . 33.18 1.36 17.65
O DMS M . 31.81 1.27 18.81
C1 DMS M . 34.40 0.00 17.18
C2 DMS M . 33.53 2.95 16.70
C1 PEG N . 4.40 17.09 -24.38
O1 PEG N . 5.17 18.02 -25.18
C2 PEG N . 3.78 17.90 -23.24
O2 PEG N . 2.33 17.70 -23.15
C3 PEG N . 1.74 17.13 -24.35
C4 PEG N . 2.24 17.90 -25.59
O4 PEG N . 1.22 17.75 -26.63
C1 PEG O . 19.84 6.28 -10.85
C1 PEG O . 19.36 8.20 -10.12
O1 PEG O . 20.40 5.17 -11.64
O1 PEG O . 18.38 9.11 -10.66
C2 PEG O . 20.08 6.09 -9.34
C2 PEG O . 19.11 6.78 -10.64
O2 PEG O . 21.47 6.16 -8.92
O2 PEG O . 19.68 5.79 -9.70
C3 PEG O . 21.86 4.96 -8.19
C3 PEG O . 21.12 5.72 -9.71
C4 PEG O . 21.92 3.78 -9.19
C4 PEG O . 21.60 4.73 -8.58
O4 PEG O . 22.90 2.78 -8.84
O4 PEG O . 22.24 3.58 -9.18
S DMS P . 38.95 17.41 -5.59
O DMS P . 37.62 16.85 -6.73
C1 DMS P . 40.06 18.51 -6.56
C2 DMS P . 38.12 18.55 -4.44
S DMS Q . 23.63 24.57 -6.53
O DMS Q . 24.62 23.04 -6.17
C1 DMS Q . 21.83 24.23 -6.86
C2 DMS Q . 23.63 25.61 -4.98
#